data_9FU2
#
_entry.id   9FU2
#
_cell.length_a   83.106
_cell.length_b   83.106
_cell.length_c   132.251
_cell.angle_alpha   90
_cell.angle_beta   90
_cell.angle_gamma   120
#
_symmetry.space_group_name_H-M   'P 31'
#
loop_
_entity.id
_entity.type
_entity.pdbx_description
1 polymer Myosin-11
2 non-polymer "ADENOSINE-5'-DIPHOSPHATE"
3 non-polymer 'VANADATE ION'
4 non-polymer 'MAGNESIUM ION'
5 non-polymer 'DIMETHYL SULFOXIDE'
6 non-polymer 1,2-ETHANEDIOL
7 non-polymer (3~{a}~{S})-1-(2-methoxypyridin-4-yl)-6,7-dimethyl-3~{a}-oxidanyl-2,3-dihydropyrrolo[2,3-b]quinolin-4-one
8 non-polymer 'CHLORIDE ION'
9 water water
#
_entity_poly.entity_id   1
_entity_poly.type   'polypeptide(L)'
_entity_poly.pdbx_seq_one_letter_code
;MAQKGQLSDDEKFLFVDKNFINSPVAQADWAAKRLVWVPSEKQGFEAASIKEEKGDEVVVELVENGKKVTVGKDDIQKMN
PPKFSKVEDMAELTCLNEASVLHNLRERYFSGLIYTYSGLFCVVVNPYKHLPIYSEKIVDMYKGKKRHEMPPHIYAIADT
AYRSMLQDREDQSILCTGESGAGKTENT(MLY)KVIQYLAVVASSHKGKKDTSITGELEKQLLQANPILEAFGNAKTVKN
DNSSRFGKFIRINFDVTGYIVGANIETYLLEKSRAIRQARDERTFHIFYYMIAGAKEKMRSDLLLEGFNNYTFLSNGFVP
IPAAQDDEMFQETVEAMAIMGFSEEEQLSILKVVSSVLQLGNIVFKKERNTDQASMPDNTAAQKVCHLMGINVTDFTRSI
LTPRIKVGRDVVQKAQTKEQADFAVEALAKATYERLFRWILTRVNKALDKTHRQGASFLGILDIAGFEIFEVNSFEQLCI
NYTNEKLQQLFNHTMFILEQEEYQREGIEWNFIDFGLDLQPCIELIERPNNPPGVLALLDEECWFPKATDKSFVEKLCTE
QGSHPKFQKPKQLKDKTEFSIIHYAGKVDYNASAWLTKNMDPLNDNVTSLLNASSDKFVADLWKDVDRIVGLDQMAKMTE
SSLPSASKTKKGMFRTVGQLYKEQLGKLMTTLRNTTPNFVRCIIPNHEKRSGKLDAFLVLEQLRCNGVLEGIRICRQGFP
NRIVFQEFRQRYEILAANAIPKGFMDGKQACILMIKALELDPNLYRIGQSKIFFRTGVLAHLEEERDLKITDVIMAFQAM
CRGYLARKAFAKRQQQLTAMKVIQRNCAAYLKLRNWQWWRLFTKVKPLLQVTRQEEEMQAKEDELQKTKERQQKAENELK
ELEQKHSQLTEEKNLLQEQLQAETELYAEAEEMRVRLAAKKQELEEILHEMEARLEEEEDRGQQLQAERKKMAQQMLDLE
EQLEEEEAARQKLQLEKVTAEAKIKKLEDEILVMDDQNNKLSKERKLLEERISDLTTNLAEEEEKAKNLTKLKNKHESMI
SELEVRLKKEEKSRQELEKLKRKLEGDASDFHEQIADLQAQIAELKMQLAKKEEELQAALARLDDEIAQKNNALKKIREL
EGHISDLQEDLDSERAARNKAEKQKRDLGEELEALKTELEDTLDSTATQQELRAKREQEVTVLKKALDEETRSHEAQVQE
MRQKHAQAVEELTEQLEQFKRAKANLDKNKQTLEKENADLAGELRVLGQAKQEVEHKKKKLEAQVQELQSKCSDGERARA
ELNDKVHKLQNEVESVTGMLNEAEGKAIKLAKDVASLSSQLQDTQELLQEETRQKLNVSTKLRQLEEERNSLQDQLDEEM
EAKQNLERHISTLNIQLSDSKKKLQDFASTVEALEEGKKRFQKEIENLTQQYEEKAAAYDKLEKTKNRLQQELDDLVVDL
DNQRQLVSNLEKKQRKFDQLLAEEKNISSKYADERDRAEAEAREKETKALSLARALEEALEAKEELERTNKMLKAEMEDL
VSSKDDVGKNVHELEKSKRALETQMEEMKTQLEELEDELQATEDAKLRLEVNMQALKGQFERDLQARDEQNEEKRRQLQR
QLHEYETELEDERKQRALAAAAKKKLEGDLKDLELQADSAIKGREEAIKQLRKLQAQMKDFQRELEDARASRDEIFATAK
ENEKKAKSLEADLMQLQEDLAAAERARKQADLEKEELAEELASSLSGRNALQDEKRRLEARIAQLEEELEEEQGNMEAMS
DRVRKATQQAEQLSNELATERSTAQKNESARQQLERQNKELRSKLHEMEGAVKSKFKSTIAALEAKIAQLEEQVEQEARE
KQAATKSLKQKDKKLKEILLQVEDERKMAEQYKEQAEKGNARVKQLKRQLEEAEEESQRINANRRKLQRELDEATESNEA
MGREVNALKSKLRRGNETSFVPSRRSGGRRVIENADGSEEETDTRDADFNGTKASE
;
_entity_poly.pdbx_strand_id   A
#
loop_
_chem_comp.id
_chem_comp.type
_chem_comp.name
_chem_comp.formula
A1IGE non-polymer (3~{a}~{S})-1-(2-methoxypyridin-4-yl)-6,7-dimethyl-3~{a}-oxidanyl-2,3-dihydropyrrolo[2,3-b]quinolin-4-one 'C19 H19 N3 O3'
ADP non-polymer ADENOSINE-5'-DIPHOSPHATE 'C10 H15 N5 O10 P2'
CL non-polymer 'CHLORIDE ION' 'Cl -1'
DMS non-polymer 'DIMETHYL SULFOXIDE' 'C2 H6 O S'
EDO non-polymer 1,2-ETHANEDIOL 'C2 H6 O2'
MG non-polymer 'MAGNESIUM ION' 'Mg 2'
VO4 non-polymer 'VANADATE ION' 'O4 V -3'
#
# COMPACT_ATOMS: atom_id res chain seq x y z
N ALA A 32 11.75 -41.66 9.46
CA ALA A 32 10.33 -42.03 9.39
C ALA A 32 9.90 -42.77 10.65
N LYS A 33 9.56 -42.02 11.71
CA LYS A 33 9.12 -42.57 12.99
C LYS A 33 7.66 -42.16 13.26
N ARG A 34 6.79 -42.22 12.22
CA ARG A 34 5.38 -41.84 12.28
C ARG A 34 5.18 -40.46 12.91
N LEU A 35 5.95 -39.46 12.46
CA LEU A 35 5.90 -38.10 13.01
C LEU A 35 4.95 -37.24 12.15
N VAL A 36 3.87 -36.72 12.76
CA VAL A 36 2.87 -35.88 12.08
C VAL A 36 2.57 -34.62 12.92
N TRP A 37 2.06 -33.57 12.27
CA TRP A 37 1.72 -32.32 12.95
C TRP A 37 0.38 -32.46 13.68
N VAL A 38 0.33 -32.06 14.96
CA VAL A 38 -0.86 -32.12 15.80
C VAL A 38 -1.28 -30.67 16.15
N PRO A 39 -2.57 -30.24 16.06
CA PRO A 39 -2.90 -28.85 16.43
C PRO A 39 -2.50 -28.49 17.85
N SER A 40 -1.89 -27.31 18.03
CA SER A 40 -1.43 -26.80 19.32
C SER A 40 -2.13 -25.47 19.67
N GLU A 41 -2.08 -25.06 20.95
CA GLU A 41 -2.71 -23.82 21.42
C GLU A 41 -1.70 -22.73 21.79
N LYS A 42 -0.42 -23.10 22.07
CA LYS A 42 0.60 -22.12 22.41
C LYS A 42 1.46 -21.74 21.19
N GLN A 43 1.93 -22.74 20.42
CA GLN A 43 2.76 -22.52 19.24
C GLN A 43 2.04 -22.79 17.90
N GLY A 44 0.70 -22.79 17.89
CA GLY A 44 -0.07 -23.03 16.68
C GLY A 44 -0.15 -24.49 16.29
N PHE A 45 1.00 -25.11 15.98
CA PHE A 45 1.11 -26.52 15.62
C PHE A 45 2.38 -27.11 16.25
N GLU A 46 2.29 -28.36 16.74
CA GLU A 46 3.43 -29.04 17.38
C GLU A 46 3.57 -30.46 16.81
N ALA A 47 4.81 -30.92 16.61
CA ALA A 47 5.08 -32.26 16.07
C ALA A 47 4.88 -33.33 17.14
N ALA A 48 4.49 -34.56 16.72
CA ALA A 48 4.27 -35.69 17.63
C ALA A 48 4.27 -37.02 16.88
N SER A 49 4.66 -38.10 17.57
CA SER A 49 4.71 -39.45 16.99
C SER A 49 3.32 -40.09 17.02
N GLU A 52 -1.48 -45.24 17.78
CA GLU A 52 -2.39 -46.28 17.30
C GLU A 52 -3.62 -45.66 16.64
N GLU A 53 -4.13 -46.29 15.56
CA GLU A 53 -5.29 -45.81 14.83
C GLU A 53 -6.56 -46.56 15.27
N LYS A 54 -7.16 -46.13 16.40
CA LYS A 54 -8.37 -46.75 16.94
C LYS A 54 -9.62 -46.11 16.36
N GLY A 55 -10.11 -46.66 15.25
CA GLY A 55 -11.31 -46.16 14.59
C GLY A 55 -11.09 -44.82 13.92
N ASP A 56 -12.03 -43.87 14.08
CA ASP A 56 -11.92 -42.54 13.50
C ASP A 56 -11.16 -41.58 14.45
N GLU A 57 -10.03 -42.06 15.02
CA GLU A 57 -9.21 -41.28 15.94
C GLU A 57 -7.79 -41.86 16.03
N VAL A 58 -6.81 -41.04 16.45
CA VAL A 58 -5.41 -41.44 16.58
C VAL A 58 -4.79 -40.92 17.88
N VAL A 59 -3.78 -41.64 18.40
CA VAL A 59 -3.10 -41.28 19.65
C VAL A 59 -1.69 -40.74 19.36
N VAL A 60 -1.39 -39.52 19.82
CA VAL A 60 -0.09 -38.87 19.66
C VAL A 60 0.59 -38.67 21.02
N GLU A 61 1.92 -38.45 21.05
CA GLU A 61 2.64 -38.29 22.31
C GLU A 61 3.96 -37.52 22.21
N LEU A 62 3.94 -36.21 22.53
CA LEU A 62 5.14 -35.34 22.59
C LEU A 62 4.77 -33.94 23.07
N VAL A 71 -6.96 -37.04 19.61
CA VAL A 71 -6.93 -36.22 18.40
C VAL A 71 -7.77 -36.86 17.29
N GLY A 72 -8.41 -36.03 16.47
CA GLY A 72 -9.24 -36.50 15.37
C GLY A 72 -8.45 -36.91 14.15
N LYS A 73 -9.05 -37.73 13.28
CA LYS A 73 -8.40 -38.21 12.05
C LYS A 73 -8.18 -37.06 11.07
N ASP A 74 -9.14 -36.12 10.98
CA ASP A 74 -9.02 -34.96 10.08
C ASP A 74 -8.06 -33.89 10.66
N ASP A 75 -7.90 -33.83 11.99
CA ASP A 75 -7.03 -32.84 12.64
C ASP A 75 -5.54 -33.04 12.33
N ILE A 76 -5.09 -34.29 12.08
CA ILE A 76 -3.66 -34.53 11.79
C ILE A 76 -3.29 -34.06 10.38
N GLN A 77 -2.02 -33.65 10.22
CA GLN A 77 -1.47 -33.18 8.95
C GLN A 77 -0.08 -33.81 8.78
N LYS A 78 0.27 -34.21 7.55
CA LYS A 78 1.55 -34.87 7.28
C LYS A 78 2.73 -33.92 7.45
N MET A 79 3.81 -34.39 8.09
CA MET A 79 5.03 -33.60 8.32
C MET A 79 6.06 -33.94 7.25
N ASN A 80 6.78 -32.94 6.73
CA ASN A 80 7.80 -33.16 5.70
C ASN A 80 9.08 -33.74 6.33
N PRO A 81 9.88 -34.55 5.59
CA PRO A 81 11.13 -35.08 6.19
C PRO A 81 12.19 -33.99 6.47
N PRO A 82 13.21 -34.22 7.35
CA PRO A 82 14.20 -33.15 7.61
C PRO A 82 14.98 -32.58 6.41
N LYS A 83 14.93 -33.22 5.22
CA LYS A 83 15.65 -32.69 4.06
C LYS A 83 15.09 -31.32 3.61
N PHE A 84 13.82 -31.01 3.92
CA PHE A 84 13.21 -29.71 3.59
C PHE A 84 13.30 -28.72 4.78
N SER A 85 14.38 -28.78 5.57
CA SER A 85 14.54 -27.86 6.70
C SER A 85 14.93 -26.49 6.14
N LYS A 86 14.12 -25.45 6.42
CA LYS A 86 14.34 -24.08 5.94
C LYS A 86 14.47 -24.05 4.40
N VAL A 87 13.54 -24.73 3.70
CA VAL A 87 13.55 -24.78 2.24
C VAL A 87 13.32 -23.36 1.67
N GLU A 88 13.95 -23.07 0.52
CA GLU A 88 13.91 -21.75 -0.11
C GLU A 88 12.56 -21.49 -0.78
N ASP A 89 12.01 -22.51 -1.48
CA ASP A 89 10.71 -22.42 -2.14
C ASP A 89 9.81 -23.51 -1.54
N MET A 90 8.67 -23.11 -0.98
CA MET A 90 7.72 -24.05 -0.37
C MET A 90 6.97 -24.91 -1.38
N ALA A 91 6.99 -24.55 -2.67
CA ALA A 91 6.40 -25.40 -3.71
C ALA A 91 7.18 -26.74 -3.85
N GLU A 92 8.42 -26.82 -3.32
CA GLU A 92 9.22 -28.05 -3.35
C GLU A 92 8.77 -29.05 -2.26
N LEU A 93 8.08 -28.57 -1.18
CA LEU A 93 7.65 -29.44 -0.07
C LEU A 93 6.77 -30.59 -0.59
N THR A 94 7.07 -31.83 -0.15
CA THR A 94 6.29 -32.99 -0.58
C THR A 94 4.86 -32.95 0.01
N CYS A 95 4.70 -32.47 1.26
CA CYS A 95 3.40 -32.37 1.93
C CYS A 95 3.04 -30.89 2.15
N LEU A 96 2.17 -30.33 1.30
CA LEU A 96 1.76 -28.94 1.45
C LEU A 96 0.54 -28.82 2.37
N ASN A 97 0.74 -28.25 3.57
CA ASN A 97 -0.33 -28.02 4.54
C ASN A 97 0.01 -26.80 5.42
N GLU A 98 -0.97 -26.26 6.17
CA GLU A 98 -0.76 -25.09 7.01
C GLU A 98 0.42 -25.22 7.98
N ALA A 99 0.54 -26.37 8.66
CA ALA A 99 1.61 -26.62 9.63
C ALA A 99 3.02 -26.64 9.03
N SER A 100 3.18 -27.19 7.82
CA SER A 100 4.48 -27.25 7.15
C SER A 100 4.93 -25.86 6.68
N VAL A 101 3.99 -25.04 6.20
CA VAL A 101 4.32 -23.68 5.76
C VAL A 101 4.66 -22.84 7.00
N LEU A 102 3.87 -22.97 8.08
CA LEU A 102 4.12 -22.25 9.34
C LEU A 102 5.48 -22.59 9.92
N HIS A 103 5.81 -23.89 10.00
CA HIS A 103 7.09 -24.34 10.54
C HIS A 103 8.28 -23.85 9.72
N ASN A 104 8.17 -23.88 8.39
CA ASN A 104 9.26 -23.45 7.53
C ASN A 104 9.49 -21.94 7.62
N LEU A 105 8.42 -21.13 7.78
CA LEU A 105 8.57 -19.68 7.97
C LEU A 105 9.21 -19.42 9.34
N ARG A 106 8.79 -20.16 10.37
CA ARG A 106 9.28 -20.00 11.74
C ARG A 106 10.76 -20.39 11.88
N GLU A 107 11.18 -21.56 11.36
CA GLU A 107 12.60 -21.96 11.43
C GLU A 107 13.50 -20.95 10.70
N ARG A 108 13.03 -20.40 9.57
CA ARG A 108 13.80 -19.40 8.82
C ARG A 108 13.84 -18.05 9.56
N TYR A 109 12.70 -17.60 10.10
CA TYR A 109 12.61 -16.32 10.81
C TYR A 109 13.62 -16.20 11.96
N PHE A 110 13.66 -17.20 12.86
CA PHE A 110 14.61 -17.17 13.99
C PHE A 110 16.08 -17.42 13.59
N SER A 111 16.36 -17.70 12.29
CA SER A 111 17.72 -17.82 11.76
C SER A 111 18.11 -16.57 10.93
N GLY A 112 17.44 -15.43 11.15
CA GLY A 112 17.69 -14.20 10.42
C GLY A 112 17.38 -14.27 8.94
N LEU A 113 16.38 -15.09 8.55
CA LEU A 113 15.98 -15.28 7.15
C LEU A 113 14.49 -14.92 7.00
N ILE A 114 14.22 -13.67 6.63
CA ILE A 114 12.86 -13.16 6.52
C ILE A 114 12.18 -13.48 5.16
N TYR A 115 12.94 -13.60 4.07
CA TYR A 115 12.37 -13.89 2.75
C TYR A 115 12.25 -15.38 2.51
N THR A 116 11.11 -15.81 1.94
CA THR A 116 10.85 -17.21 1.61
C THR A 116 9.96 -17.27 0.37
N TYR A 117 10.40 -17.97 -0.68
CA TYR A 117 9.59 -18.07 -1.90
C TYR A 117 8.43 -19.04 -1.68
N SER A 118 7.29 -18.72 -2.28
CA SER A 118 6.07 -19.52 -2.19
C SER A 118 5.55 -19.69 -3.60
N GLY A 119 6.30 -20.42 -4.41
CA GLY A 119 5.95 -20.63 -5.81
C GLY A 119 6.34 -19.43 -6.65
N LEU A 120 5.38 -18.84 -7.38
CA LEU A 120 5.66 -17.67 -8.22
C LEU A 120 5.86 -16.41 -7.39
N PHE A 121 5.06 -16.23 -6.33
CA PHE A 121 5.13 -15.07 -5.43
C PHE A 121 6.10 -15.33 -4.25
N CYS A 122 6.38 -14.29 -3.45
CA CYS A 122 7.27 -14.39 -2.30
C CYS A 122 6.57 -13.93 -1.02
N VAL A 123 7.06 -14.40 0.14
CA VAL A 123 6.55 -14.07 1.47
C VAL A 123 7.71 -13.46 2.28
N VAL A 124 7.44 -12.44 3.13
CA VAL A 124 8.46 -11.80 3.95
C VAL A 124 7.89 -11.42 5.32
N VAL A 125 8.46 -11.97 6.41
CA VAL A 125 8.00 -11.71 7.78
C VAL A 125 8.80 -10.52 8.34
N ASN A 126 8.13 -9.52 8.92
CA ASN A 126 8.81 -8.32 9.44
C ASN A 126 9.76 -8.70 10.61
N PRO A 127 11.09 -8.45 10.51
CA PRO A 127 11.98 -8.80 11.64
C PRO A 127 11.93 -7.88 12.85
N TYR A 128 11.53 -6.59 12.67
CA TYR A 128 11.55 -5.58 13.75
C TYR A 128 12.96 -5.42 14.36
N LYS A 129 13.99 -5.60 13.51
CA LYS A 129 15.41 -5.51 13.88
C LYS A 129 16.18 -5.24 12.59
N HIS A 130 17.07 -4.24 12.58
CA HIS A 130 17.83 -3.91 11.38
C HIS A 130 18.90 -4.96 11.16
N LEU A 131 18.64 -5.89 10.20
CA LEU A 131 19.53 -7.00 9.89
C LEU A 131 20.60 -6.56 8.86
N PRO A 132 21.82 -7.14 8.86
CA PRO A 132 22.84 -6.72 7.88
C PRO A 132 22.68 -7.38 6.50
N ILE A 133 21.45 -7.36 5.95
CA ILE A 133 21.15 -7.99 4.66
C ILE A 133 20.88 -6.98 3.53
N TYR A 134 21.18 -5.68 3.72
CA TYR A 134 20.94 -4.66 2.69
C TYR A 134 22.18 -3.79 2.41
N SER A 135 23.37 -4.40 2.31
CA SER A 135 24.61 -3.69 2.03
C SER A 135 24.86 -3.58 0.51
N GLU A 136 25.79 -2.71 0.09
CA GLU A 136 26.14 -2.58 -1.34
C GLU A 136 26.81 -3.85 -1.88
N LYS A 137 27.49 -4.64 -1.00
CA LYS A 137 28.12 -5.90 -1.38
C LYS A 137 27.02 -6.92 -1.75
N ILE A 138 25.90 -6.93 -1.00
CA ILE A 138 24.77 -7.84 -1.27
C ILE A 138 24.01 -7.38 -2.53
N VAL A 139 23.98 -6.07 -2.84
CA VAL A 139 23.39 -5.56 -4.09
C VAL A 139 24.21 -6.14 -5.27
N ASP A 140 25.55 -6.10 -5.14
CA ASP A 140 26.49 -6.64 -6.14
C ASP A 140 26.34 -8.16 -6.30
N MET A 141 26.14 -8.91 -5.21
CA MET A 141 25.98 -10.37 -5.27
C MET A 141 24.73 -10.79 -6.05
N TYR A 142 23.59 -10.12 -5.82
CA TYR A 142 22.34 -10.43 -6.52
C TYR A 142 22.25 -9.84 -7.94
N LYS A 143 23.25 -9.06 -8.38
CA LYS A 143 23.22 -8.43 -9.70
C LYS A 143 23.25 -9.44 -10.85
N GLY A 144 22.14 -9.50 -11.61
CA GLY A 144 22.00 -10.40 -12.74
C GLY A 144 21.75 -11.86 -12.41
N LYS A 145 21.56 -12.20 -11.12
CA LYS A 145 21.35 -13.59 -10.72
C LYS A 145 19.90 -14.02 -10.88
N LYS A 146 19.68 -15.33 -11.10
CA LYS A 146 18.34 -15.91 -11.24
C LYS A 146 17.83 -16.37 -9.87
N ARG A 147 16.51 -16.50 -9.73
CA ARG A 147 15.86 -16.91 -8.47
C ARG A 147 16.50 -18.15 -7.82
N HIS A 148 16.73 -19.21 -8.61
CA HIS A 148 17.32 -20.46 -8.11
C HIS A 148 18.82 -20.34 -7.78
N GLU A 149 19.54 -19.40 -8.42
CA GLU A 149 20.97 -19.21 -8.20
C GLU A 149 21.33 -18.57 -6.86
N MET A 150 20.38 -17.88 -6.18
CA MET A 150 20.66 -17.20 -4.92
C MET A 150 19.55 -17.42 -3.88
N PRO A 151 19.79 -17.22 -2.55
CA PRO A 151 18.69 -17.40 -1.58
C PRO A 151 17.52 -16.38 -1.76
N PRO A 152 16.32 -16.60 -1.17
CA PRO A 152 15.24 -15.60 -1.36
C PRO A 152 15.62 -14.24 -0.79
N HIS A 153 15.29 -13.16 -1.54
CA HIS A 153 15.60 -11.78 -1.13
C HIS A 153 14.79 -10.78 -1.95
N ILE A 154 14.57 -9.56 -1.42
CA ILE A 154 13.87 -8.51 -2.17
C ILE A 154 14.69 -8.08 -3.41
N TYR A 155 16.04 -8.21 -3.37
CA TYR A 155 16.89 -7.87 -4.52
C TYR A 155 16.68 -8.86 -5.67
N ALA A 156 16.48 -10.13 -5.36
CA ALA A 156 16.23 -11.14 -6.39
C ALA A 156 14.85 -10.95 -7.04
N ILE A 157 13.86 -10.44 -6.30
CA ILE A 157 12.52 -10.17 -6.83
C ILE A 157 12.61 -8.98 -7.80
N ALA A 158 13.33 -7.93 -7.41
CA ALA A 158 13.53 -6.75 -8.23
C ALA A 158 14.32 -7.09 -9.49
N ASP A 159 15.38 -7.92 -9.37
CA ASP A 159 16.19 -8.30 -10.53
C ASP A 159 15.41 -9.19 -11.50
N THR A 160 14.65 -10.18 -10.99
CA THR A 160 13.85 -11.07 -11.84
C THR A 160 12.84 -10.26 -12.69
N ALA A 161 12.13 -9.30 -12.08
CA ALA A 161 11.18 -8.44 -12.80
C ALA A 161 11.90 -7.56 -13.82
N TYR A 162 13.07 -7.00 -13.43
CA TYR A 162 13.88 -6.17 -14.31
C TYR A 162 14.35 -6.94 -15.57
N ARG A 163 14.73 -8.22 -15.43
CA ARG A 163 15.18 -9.01 -16.58
C ARG A 163 13.97 -9.42 -17.44
N SER A 164 12.83 -9.74 -16.82
CA SER A 164 11.60 -10.08 -17.56
C SER A 164 11.13 -8.87 -18.40
N MET A 165 11.30 -7.66 -17.87
CA MET A 165 10.96 -6.42 -18.57
C MET A 165 11.76 -6.30 -19.89
N LEU A 166 13.07 -6.61 -19.85
CA LEU A 166 13.94 -6.51 -21.03
C LEU A 166 13.77 -7.70 -21.98
N GLN A 167 13.62 -8.92 -21.45
CA GLN A 167 13.48 -10.12 -22.26
C GLN A 167 12.10 -10.20 -22.93
N ASP A 168 11.01 -10.10 -22.13
CA ASP A 168 9.65 -10.22 -22.65
C ASP A 168 9.09 -8.91 -23.24
N ARG A 169 9.76 -7.75 -23.00
CA ARG A 169 9.29 -6.44 -23.47
C ARG A 169 7.88 -6.18 -22.91
N GLU A 170 7.72 -6.40 -21.61
CA GLU A 170 6.46 -6.24 -20.91
C GLU A 170 6.73 -5.40 -19.68
N ASP A 171 5.91 -4.36 -19.44
CA ASP A 171 6.05 -3.52 -18.25
C ASP A 171 5.80 -4.38 -17.01
N GLN A 172 6.62 -4.20 -15.96
CA GLN A 172 6.51 -5.02 -14.75
C GLN A 172 6.02 -4.20 -13.57
N SER A 173 5.48 -4.88 -12.56
CA SER A 173 5.00 -4.21 -11.36
C SER A 173 5.19 -5.12 -10.16
N ILE A 174 5.78 -4.59 -9.07
CA ILE A 174 5.99 -5.30 -7.82
C ILE A 174 4.95 -4.77 -6.85
N LEU A 175 4.06 -5.64 -6.37
CA LEU A 175 2.95 -5.24 -5.51
C LEU A 175 3.11 -5.81 -4.11
N CYS A 176 3.38 -4.96 -3.12
CA CYS A 176 3.56 -5.36 -1.73
C CYS A 176 2.21 -5.37 -1.02
N THR A 177 1.78 -6.51 -0.49
CA THR A 177 0.51 -6.63 0.25
C THR A 177 0.81 -6.83 1.74
N GLY A 178 -0.15 -6.53 2.59
CA GLY A 178 -0.01 -6.74 4.03
C GLY A 178 -0.75 -5.73 4.87
N GLU A 179 -1.07 -6.11 6.11
CA GLU A 179 -1.73 -5.20 7.05
C GLU A 179 -0.77 -4.10 7.55
N SER A 180 -1.28 -3.08 8.26
CA SER A 180 -0.45 -1.98 8.74
C SER A 180 0.76 -2.46 9.56
N GLY A 181 1.94 -1.98 9.20
CA GLY A 181 3.18 -2.34 9.88
C GLY A 181 3.85 -3.62 9.39
N ALA A 182 3.31 -4.28 8.33
CA ALA A 182 3.88 -5.53 7.83
C ALA A 182 5.26 -5.39 7.15
N GLY A 183 5.55 -4.22 6.58
CA GLY A 183 6.83 -3.94 5.93
C GLY A 183 6.76 -3.67 4.44
N LYS A 184 5.64 -3.09 3.95
CA LYS A 184 5.46 -2.80 2.53
C LYS A 184 6.35 -1.65 2.08
N THR A 185 6.42 -0.58 2.89
CA THR A 185 7.23 0.60 2.59
C THR A 185 8.71 0.26 2.65
N GLU A 186 9.12 -0.55 3.64
CA GLU A 186 10.52 -0.93 3.77
C GLU A 186 10.99 -1.73 2.55
N ASN A 187 10.18 -2.68 2.08
CA ASN A 187 10.51 -3.48 0.90
C ASN A 187 10.44 -2.66 -0.38
N THR A 188 9.52 -1.69 -0.47
CA THR A 188 9.41 -0.80 -1.63
C THR A 188 10.70 0.00 -1.81
N MLY A 189 11.22 0.56 -0.70
CA MLY A 189 12.44 1.37 -0.73
CB MLY A 189 12.78 1.95 0.66
CG MLY A 189 11.84 3.12 1.03
CD MLY A 189 11.67 3.31 2.57
CE MLY A 189 12.15 4.69 3.06
NZ MLY A 189 12.01 4.98 4.56
CH1 MLY A 189 11.53 3.98 5.56
CH2 MLY A 189 13.23 5.62 5.11
C MLY A 189 13.69 0.54 -1.09
O MLY A 189 14.61 1.09 -1.70
H MLY A 189 10.81 0.46 0.22
HA MLY A 189 12.30 2.18 -1.44
HB2 MLY A 189 12.72 1.16 1.40
HB3 MLY A 189 13.82 2.28 0.69
HG2 MLY A 189 12.22 4.06 0.60
HG3 MLY A 189 10.87 2.98 0.57
HD2 MLY A 189 10.63 3.15 2.84
HD3 MLY A 189 12.20 2.51 3.08
HE2 MLY A 189 13.16 4.85 2.69
HE3 MLY A 189 11.56 5.45 2.54
HH11 MLY A 189 12.17 3.10 5.54
HH12 MLY A 189 10.53 3.63 5.32
HH13 MLY A 189 11.50 4.32 6.60
HH21 MLY A 189 13.51 6.48 4.51
HH22 MLY A 189 14.07 4.93 5.07
HH23 MLY A 189 13.15 5.97 6.15
N LYS A 190 13.71 -0.75 -0.73
CA LYS A 190 14.84 -1.61 -1.07
C LYS A 190 14.83 -1.97 -2.57
N VAL A 191 13.64 -2.04 -3.20
CA VAL A 191 13.53 -2.29 -4.65
C VAL A 191 14.14 -1.08 -5.39
N ILE A 192 13.83 0.15 -4.93
CA ILE A 192 14.36 1.39 -5.50
C ILE A 192 15.86 1.43 -5.32
N GLN A 193 16.34 1.15 -4.09
CA GLN A 193 17.78 1.11 -3.75
C GLN A 193 18.53 0.15 -4.66
N TYR A 194 17.95 -1.03 -4.92
CA TYR A 194 18.57 -2.03 -5.78
C TYR A 194 18.57 -1.62 -7.26
N LEU A 195 17.43 -1.14 -7.79
CA LEU A 195 17.35 -0.77 -9.20
C LEU A 195 18.19 0.47 -9.52
N ALA A 196 18.32 1.43 -8.60
CA ALA A 196 19.14 2.63 -8.82
C ALA A 196 20.60 2.28 -9.04
N VAL A 197 21.11 1.24 -8.36
CA VAL A 197 22.49 0.82 -8.49
C VAL A 197 22.68 -0.05 -9.74
N VAL A 198 21.83 -1.07 -9.91
CA VAL A 198 21.95 -2.04 -11.01
C VAL A 198 21.64 -1.44 -12.41
N ALA A 199 20.62 -0.57 -12.52
CA ALA A 199 20.28 0.02 -13.82
C ALA A 199 20.75 1.48 -13.92
N SER A 200 22.07 1.70 -13.93
CA SER A 200 22.67 3.03 -14.04
C SER A 200 23.99 2.97 -14.84
N SER A 201 24.52 4.13 -15.28
CA SER A 201 25.75 4.18 -16.09
C SER A 201 26.99 3.67 -15.34
N GLY A 212 25.52 10.97 -11.47
CA GLY A 212 24.42 10.19 -10.91
C GLY A 212 23.47 11.04 -10.07
N GLU A 213 23.06 12.20 -10.60
CA GLU A 213 22.15 13.10 -9.90
C GLU A 213 20.76 12.47 -9.75
N LEU A 214 20.30 11.72 -10.77
CA LEU A 214 18.99 11.07 -10.72
C LEU A 214 18.92 10.02 -9.61
N GLU A 215 19.96 9.20 -9.44
CA GLU A 215 19.98 8.20 -8.37
C GLU A 215 19.95 8.88 -7.00
N LYS A 216 20.71 9.99 -6.83
CA LYS A 216 20.72 10.75 -5.58
C LYS A 216 19.32 11.28 -5.23
N GLN A 217 18.62 11.85 -6.23
CA GLN A 217 17.28 12.42 -6.02
C GLN A 217 16.24 11.32 -5.80
N LEU A 218 16.36 10.19 -6.52
CA LEU A 218 15.43 9.07 -6.37
C LEU A 218 15.50 8.47 -4.96
N LEU A 219 16.70 8.43 -4.35
CA LEU A 219 16.88 7.91 -2.99
C LEU A 219 16.34 8.88 -1.92
N GLN A 220 16.14 10.16 -2.26
CA GLN A 220 15.59 11.16 -1.33
C GLN A 220 14.08 11.41 -1.56
N ALA A 221 13.42 10.71 -2.50
CA ALA A 221 12.00 10.91 -2.79
C ALA A 221 11.10 10.39 -1.65
N ASN A 222 11.37 9.17 -1.14
CA ASN A 222 10.58 8.64 -0.03
C ASN A 222 10.87 9.42 1.28
N PRO A 223 12.14 9.71 1.69
CA PRO A 223 12.34 10.54 2.91
C PRO A 223 11.55 11.85 2.94
N ILE A 224 11.40 12.55 1.80
CA ILE A 224 10.64 13.81 1.77
C ILE A 224 9.16 13.49 1.94
N LEU A 225 8.61 12.58 1.13
CA LEU A 225 7.19 12.24 1.20
C LEU A 225 6.78 11.65 2.54
N GLU A 226 7.68 10.92 3.23
CA GLU A 226 7.37 10.34 4.54
C GLU A 226 7.33 11.39 5.64
N ALA A 227 8.11 12.48 5.51
CA ALA A 227 8.08 13.55 6.51
C ALA A 227 6.70 14.22 6.50
N PHE A 228 6.09 14.42 5.31
CA PHE A 228 4.80 15.07 5.16
C PHE A 228 3.58 14.14 5.06
N GLY A 229 3.78 12.87 4.76
CA GLY A 229 2.69 11.91 4.59
C GLY A 229 2.63 10.77 5.58
N ASN A 230 3.71 10.52 6.35
CA ASN A 230 3.72 9.43 7.34
C ASN A 230 3.49 9.94 8.76
N ALA A 231 3.02 9.06 9.65
CA ALA A 231 2.70 9.40 11.03
C ALA A 231 2.74 8.17 11.93
N LYS A 232 2.89 8.37 13.25
CA LYS A 232 2.87 7.27 14.21
C LYS A 232 1.42 6.96 14.54
N THR A 233 0.98 5.75 14.25
CA THR A 233 -0.34 5.26 14.63
C THR A 233 -0.12 4.14 15.71
N VAL A 234 -1.20 3.63 16.31
CA VAL A 234 -1.08 2.55 17.29
C VAL A 234 -0.53 1.25 16.66
N LYS A 235 -0.63 1.09 15.32
CA LYS A 235 -0.16 -0.10 14.60
C LYS A 235 1.28 0.06 14.09
N ASN A 236 1.65 1.26 13.57
CA ASN A 236 2.97 1.47 12.99
C ASN A 236 3.51 2.88 13.28
N ASP A 237 4.79 2.97 13.74
CA ASP A 237 5.43 4.25 14.05
C ASP A 237 5.74 5.11 12.83
N ASN A 238 5.88 4.50 11.64
CA ASN A 238 6.12 5.22 10.39
C ASN A 238 5.05 4.76 9.41
N SER A 239 3.78 4.90 9.83
CA SER A 239 2.64 4.44 9.04
C SER A 239 2.46 5.35 7.84
N SER A 240 2.33 4.77 6.63
CA SER A 240 2.09 5.56 5.43
C SER A 240 0.64 5.99 5.46
N ARG A 241 0.36 7.29 5.59
CA ARG A 241 -1.02 7.77 5.58
C ARG A 241 -1.38 8.31 4.18
N PHE A 242 -0.82 7.68 3.13
CA PHE A 242 -1.02 7.97 1.71
C PHE A 242 -0.50 6.74 0.91
N GLY A 243 -1.18 6.38 -0.15
CA GLY A 243 -0.77 5.29 -1.03
C GLY A 243 0.02 5.83 -2.19
N LYS A 244 0.85 5.00 -2.82
CA LYS A 244 1.67 5.45 -3.94
C LYS A 244 2.02 4.32 -4.91
N PHE A 245 2.29 4.70 -6.17
CA PHE A 245 2.72 3.79 -7.20
C PHE A 245 3.92 4.47 -7.86
N ILE A 246 5.12 3.99 -7.53
CA ILE A 246 6.37 4.58 -8.02
C ILE A 246 6.70 3.93 -9.35
N ARG A 247 6.63 4.72 -10.44
CA ARG A 247 6.92 4.26 -11.79
C ARG A 247 8.39 4.58 -12.12
N ILE A 248 9.23 3.58 -12.34
CA ILE A 248 10.64 3.78 -12.70
C ILE A 248 10.74 3.58 -14.21
N ASN A 249 11.14 4.62 -14.96
CA ASN A 249 11.23 4.55 -16.41
C ASN A 249 12.65 4.16 -16.86
N PHE A 250 12.74 3.33 -17.90
CA PHE A 250 14.01 2.84 -18.43
C PHE A 250 14.07 3.06 -19.94
N ASP A 251 15.28 3.28 -20.49
CA ASP A 251 15.44 3.42 -21.95
C ASP A 251 15.46 2.01 -22.62
N VAL A 252 15.52 1.93 -23.96
CA VAL A 252 15.52 0.65 -24.66
C VAL A 252 16.69 -0.26 -24.21
N THR A 253 17.86 0.32 -23.87
CA THR A 253 19.02 -0.45 -23.41
C THR A 253 18.77 -1.06 -22.03
N GLY A 254 18.14 -0.30 -21.13
CA GLY A 254 17.79 -0.77 -19.80
C GLY A 254 18.27 0.05 -18.62
N TYR A 255 18.74 1.29 -18.83
CA TYR A 255 19.20 2.16 -17.73
C TYR A 255 18.05 3.05 -17.28
N ILE A 256 18.06 3.50 -16.01
CA ILE A 256 17.01 4.38 -15.51
C ILE A 256 17.22 5.74 -16.15
N VAL A 257 16.13 6.35 -16.64
CA VAL A 257 16.13 7.68 -17.24
C VAL A 257 15.33 8.68 -16.37
N GLY A 258 14.23 8.21 -15.77
CA GLY A 258 13.40 9.03 -14.92
C GLY A 258 12.49 8.21 -14.03
N ALA A 259 11.65 8.90 -13.26
CA ALA A 259 10.69 8.28 -12.35
C ALA A 259 9.53 9.23 -12.05
N ASN A 260 8.36 8.66 -11.71
CA ASN A 260 7.16 9.42 -11.39
C ASN A 260 6.45 8.72 -10.24
N ILE A 261 6.03 9.47 -9.23
CA ILE A 261 5.34 8.94 -8.06
C ILE A 261 3.90 9.44 -8.11
N GLU A 262 2.94 8.51 -8.15
CA GLU A 262 1.52 8.80 -8.20
C GLU A 262 0.94 8.52 -6.83
N THR A 263 0.60 9.55 -6.05
CA THR A 263 0.01 9.33 -4.72
C THR A 263 -1.51 9.40 -4.78
N TYR A 264 -2.16 8.72 -3.84
CA TYR A 264 -3.62 8.65 -3.75
C TYR A 264 -4.10 9.48 -2.54
N LEU A 265 -5.41 9.44 -2.21
CA LEU A 265 -5.98 10.26 -1.12
C LEU A 265 -5.12 10.32 0.15
N LEU A 266 -4.78 11.54 0.59
CA LEU A 266 -4.00 11.76 1.80
C LEU A 266 -4.97 11.76 2.98
N GLU A 267 -4.55 11.23 4.14
CA GLU A 267 -5.36 11.23 5.35
C GLU A 267 -5.23 12.63 5.97
N LYS A 268 -5.71 13.66 5.26
CA LYS A 268 -5.65 15.06 5.70
C LYS A 268 -6.35 15.32 7.04
N SER A 269 -7.33 14.50 7.43
CA SER A 269 -8.01 14.67 8.73
C SER A 269 -7.07 14.46 9.93
N ARG A 270 -5.92 13.80 9.73
CA ARG A 270 -4.92 13.59 10.77
C ARG A 270 -4.25 14.92 11.20
N ALA A 271 -4.18 15.92 10.31
CA ALA A 271 -3.58 17.21 10.64
C ALA A 271 -4.34 17.98 11.73
N ILE A 272 -5.65 17.68 11.97
CA ILE A 272 -6.46 18.41 12.96
C ILE A 272 -6.73 17.62 14.25
N ARG A 273 -6.76 16.27 14.20
CA ARG A 273 -7.09 15.47 15.38
C ARG A 273 -6.44 14.09 15.30
N GLN A 274 -5.93 13.60 16.43
CA GLN A 274 -5.27 12.29 16.52
C GLN A 274 -5.81 11.52 17.73
N ALA A 275 -5.86 10.19 17.62
CA ALA A 275 -6.32 9.33 18.70
C ALA A 275 -5.21 9.16 19.79
N ARG A 276 -5.56 8.62 20.97
CA ARG A 276 -4.62 8.38 22.07
C ARG A 276 -3.38 7.57 21.59
N ASP A 277 -2.17 7.96 22.05
CA ASP A 277 -0.86 7.35 21.69
C ASP A 277 -0.39 7.65 20.25
N GLU A 278 -1.24 8.20 19.37
CA GLU A 278 -0.87 8.48 17.97
C GLU A 278 -0.35 9.89 17.78
N ARG A 279 0.45 10.10 16.72
CA ARG A 279 1.02 11.41 16.35
C ARG A 279 0.41 11.92 15.05
N THR A 280 0.49 13.24 14.82
CA THR A 280 0.10 13.84 13.53
C THR A 280 1.26 13.54 12.50
N PHE A 281 1.25 14.14 11.29
CA PHE A 281 2.32 13.92 10.31
C PHE A 281 3.70 14.30 10.92
N HIS A 282 4.73 13.48 10.63
CA HIS A 282 6.07 13.66 11.21
C HIS A 282 6.62 15.10 11.19
N ILE A 283 6.50 15.80 10.04
CA ILE A 283 7.04 17.15 9.83
C ILE A 283 6.66 18.15 10.92
N PHE A 284 5.47 18.04 11.52
CA PHE A 284 5.06 18.97 12.59
C PHE A 284 6.01 18.86 13.79
N TYR A 285 6.50 17.66 14.10
CA TYR A 285 7.43 17.42 15.22
C TYR A 285 8.85 17.76 14.82
N TYR A 286 9.24 17.45 13.57
CA TYR A 286 10.58 17.74 13.06
C TYR A 286 10.80 19.26 13.10
N MET A 287 9.80 20.02 12.65
CA MET A 287 9.85 21.48 12.65
C MET A 287 9.93 22.04 14.09
N ILE A 288 9.02 21.63 15.00
CA ILE A 288 9.01 22.15 16.36
C ILE A 288 10.31 21.80 17.12
N ALA A 289 10.84 20.57 16.97
CA ALA A 289 12.06 20.16 17.66
C ALA A 289 13.36 20.69 17.05
N GLY A 290 13.46 20.68 15.72
CA GLY A 290 14.69 21.04 15.01
C GLY A 290 14.88 22.46 14.50
N ALA A 291 13.82 23.29 14.41
CA ALA A 291 13.99 24.67 13.88
C ALA A 291 14.96 25.47 14.73
N LYS A 292 16.00 26.05 14.10
CA LYS A 292 17.00 26.83 14.82
C LYS A 292 16.45 28.23 15.17
N GLU A 293 17.08 28.90 16.16
CA GLU A 293 16.72 30.22 16.70
C GLU A 293 16.09 31.22 15.69
N LYS A 294 16.75 31.48 14.55
CA LYS A 294 16.25 32.45 13.56
C LYS A 294 14.98 31.95 12.87
N MET A 295 15.01 30.70 12.34
CA MET A 295 13.87 30.08 11.66
C MET A 295 12.65 30.00 12.61
N ARG A 296 12.89 29.77 13.90
CA ARG A 296 11.83 29.68 14.93
C ARG A 296 10.97 30.95 14.99
N SER A 297 11.60 32.14 14.90
CA SER A 297 10.88 33.41 14.92
C SER A 297 10.18 33.67 13.57
N ASP A 298 10.78 33.24 12.45
CA ASP A 298 10.17 33.37 11.12
C ASP A 298 8.90 32.52 10.99
N LEU A 299 8.88 31.34 11.65
CA LEU A 299 7.74 30.43 11.62
C LEU A 299 6.73 30.65 12.76
N LEU A 300 6.99 31.59 13.71
CA LEU A 300 6.10 31.94 14.83
C LEU A 300 5.77 30.70 15.68
N LEU A 301 6.77 29.84 15.96
CA LEU A 301 6.55 28.58 16.67
C LEU A 301 6.57 28.68 18.19
N GLU A 302 5.83 27.75 18.83
CA GLU A 302 5.71 27.61 20.28
C GLU A 302 6.06 26.13 20.65
N GLY A 303 5.85 25.72 21.90
CA GLY A 303 6.14 24.36 22.33
C GLY A 303 5.10 23.35 21.89
N PHE A 304 5.34 22.07 22.19
CA PHE A 304 4.44 20.98 21.84
C PHE A 304 3.09 21.05 22.56
N ASN A 305 3.04 21.63 23.77
CA ASN A 305 1.80 21.75 24.54
C ASN A 305 1.00 23.02 24.20
N ASN A 306 1.41 23.83 23.20
CA ASN A 306 0.73 25.08 22.85
C ASN A 306 -0.11 24.97 21.57
N TYR A 307 -0.48 23.77 21.11
CA TYR A 307 -1.29 23.61 19.89
C TYR A 307 -2.46 22.64 20.08
N THR A 308 -3.69 23.12 19.79
CA THR A 308 -4.90 22.30 19.92
C THR A 308 -4.89 21.14 18.94
N PHE A 309 -4.38 21.35 17.70
CA PHE A 309 -4.29 20.29 16.71
C PHE A 309 -3.28 19.19 17.07
N LEU A 310 -2.47 19.36 18.14
CA LEU A 310 -1.59 18.32 18.65
C LEU A 310 -2.30 17.76 19.88
N SER A 311 -3.26 16.85 19.66
CA SER A 311 -4.11 16.28 20.71
C SER A 311 -3.38 15.77 21.96
N ASN A 312 -2.28 15.02 21.78
CA ASN A 312 -1.51 14.45 22.89
C ASN A 312 -0.15 15.13 23.11
N GLY A 313 0.07 16.32 22.56
CA GLY A 313 1.33 17.04 22.73
C GLY A 313 2.49 16.27 22.12
N PHE A 314 3.65 16.24 22.80
CA PHE A 314 4.80 15.49 22.31
C PHE A 314 4.63 14.01 22.65
N VAL A 315 4.77 13.14 21.64
CA VAL A 315 4.71 11.69 21.80
C VAL A 315 5.98 11.18 21.09
N PRO A 316 6.93 10.49 21.75
CA PRO A 316 8.17 10.09 21.04
C PRO A 316 8.05 8.85 20.15
N ILE A 317 9.03 8.70 19.23
CA ILE A 317 9.19 7.52 18.36
C ILE A 317 10.51 6.90 18.86
N PRO A 318 10.56 5.64 19.36
CA PRO A 318 11.85 5.12 19.88
C PRO A 318 13.02 5.09 18.91
N ALA A 319 12.77 4.87 17.61
CA ALA A 319 13.82 4.73 16.61
C ALA A 319 14.46 6.03 16.10
N ALA A 320 13.80 7.21 16.23
CA ALA A 320 14.37 8.44 15.69
C ALA A 320 14.06 9.69 16.52
N GLN A 321 15.04 10.62 16.57
CA GLN A 321 14.91 11.91 17.25
C GLN A 321 14.34 12.91 16.26
N ASP A 322 13.29 13.66 16.65
CA ASP A 322 12.65 14.63 15.76
C ASP A 322 13.54 15.81 15.36
N ASP A 323 14.43 16.29 16.25
CA ASP A 323 15.34 17.40 15.92
C ASP A 323 16.39 17.00 14.88
N GLU A 324 16.86 15.74 14.93
CA GLU A 324 17.84 15.23 13.97
C GLU A 324 17.16 14.82 12.65
N MET A 325 15.90 14.35 12.71
CA MET A 325 15.13 14.02 11.50
C MET A 325 14.79 15.29 10.69
N PHE A 326 14.72 16.47 11.35
CA PHE A 326 14.49 17.74 10.66
C PHE A 326 15.69 18.04 9.76
N GLN A 327 16.92 17.80 10.25
CA GLN A 327 18.12 18.03 9.45
C GLN A 327 18.19 17.06 8.28
N GLU A 328 17.78 15.80 8.47
CA GLU A 328 17.75 14.83 7.36
C GLU A 328 16.74 15.27 6.30
N THR A 329 15.56 15.79 6.72
CA THR A 329 14.53 16.28 5.79
C THR A 329 15.00 17.53 5.04
N VAL A 330 15.69 18.46 5.72
CA VAL A 330 16.24 19.67 5.08
C VAL A 330 17.29 19.24 4.04
N GLU A 331 18.19 18.32 4.40
CA GLU A 331 19.21 17.82 3.48
C GLU A 331 18.56 17.11 2.28
N ALA A 332 17.52 16.30 2.51
CA ALA A 332 16.79 15.62 1.44
C ALA A 332 16.11 16.60 0.49
N MET A 333 15.47 17.65 1.04
CA MET A 333 14.81 18.68 0.23
C MET A 333 15.83 19.46 -0.60
N ALA A 334 17.03 19.71 -0.04
CA ALA A 334 18.10 20.40 -0.77
C ALA A 334 18.61 19.55 -1.95
N ILE A 335 18.67 18.22 -1.81
CA ILE A 335 19.11 17.33 -2.89
C ILE A 335 18.08 17.37 -4.04
N MET A 336 16.78 17.39 -3.71
CA MET A 336 15.72 17.43 -4.71
C MET A 336 15.66 18.75 -5.50
N GLY A 337 16.30 19.81 -5.02
CA GLY A 337 16.33 21.10 -5.69
C GLY A 337 15.54 22.20 -5.01
N PHE A 338 14.92 21.91 -3.84
CA PHE A 338 14.18 22.95 -3.12
C PHE A 338 15.18 23.92 -2.50
N SER A 339 15.07 25.21 -2.82
CA SER A 339 15.96 26.23 -2.28
C SER A 339 15.63 26.53 -0.80
N GLU A 340 16.50 27.28 -0.09
CA GLU A 340 16.23 27.64 1.32
C GLU A 340 14.95 28.48 1.45
N GLU A 341 14.64 29.31 0.45
CA GLU A 341 13.44 30.15 0.44
C GLU A 341 12.17 29.30 0.23
N GLU A 342 12.25 28.25 -0.60
CA GLU A 342 11.10 27.36 -0.84
C GLU A 342 10.86 26.46 0.37
N GLN A 343 11.92 26.02 1.07
CA GLN A 343 11.77 25.20 2.27
C GLN A 343 11.14 26.03 3.39
N LEU A 344 11.52 27.31 3.53
CA LEU A 344 10.93 28.21 4.52
C LEU A 344 9.43 28.40 4.22
N SER A 345 9.07 28.61 2.94
CA SER A 345 7.67 28.77 2.53
C SER A 345 6.86 27.52 2.89
N ILE A 346 7.42 26.32 2.65
CA ILE A 346 6.78 25.05 2.99
C ILE A 346 6.51 24.99 4.51
N LEU A 347 7.52 25.30 5.33
CA LEU A 347 7.40 25.25 6.79
C LEU A 347 6.47 26.33 7.34
N LYS A 348 6.31 27.48 6.64
CA LYS A 348 5.34 28.51 7.05
C LYS A 348 3.91 27.99 6.88
N VAL A 349 3.65 27.16 5.85
CA VAL A 349 2.33 26.58 5.61
C VAL A 349 2.05 25.51 6.68
N VAL A 350 3.07 24.72 7.07
CA VAL A 350 2.94 23.71 8.12
C VAL A 350 2.59 24.43 9.45
N SER A 351 3.29 25.55 9.74
CA SER A 351 3.05 26.36 10.93
C SER A 351 1.65 27.00 10.90
N SER A 352 1.19 27.47 9.72
CA SER A 352 -0.14 28.09 9.59
C SER A 352 -1.26 27.06 9.81
N VAL A 353 -1.02 25.77 9.53
CA VAL A 353 -1.98 24.69 9.78
C VAL A 353 -2.16 24.59 11.30
N LEU A 354 -1.04 24.54 12.06
CA LEU A 354 -1.07 24.49 13.53
C LEU A 354 -1.76 25.72 14.13
N GLN A 355 -1.39 26.93 13.64
CA GLN A 355 -1.97 28.18 14.14
C GLN A 355 -3.49 28.25 13.90
N LEU A 356 -4.00 27.61 12.83
CA LEU A 356 -5.45 27.59 12.59
C LEU A 356 -6.18 26.90 13.74
N GLY A 357 -5.59 25.83 14.28
CA GLY A 357 -6.15 25.09 15.40
C GLY A 357 -6.25 25.86 16.71
N ASN A 358 -5.41 26.89 16.89
CA ASN A 358 -5.45 27.73 18.09
C ASN A 358 -6.53 28.83 18.02
N ILE A 359 -7.31 28.93 16.92
CA ILE A 359 -8.36 29.94 16.81
C ILE A 359 -9.53 29.46 17.67
N VAL A 360 -9.92 30.25 18.69
CA VAL A 360 -10.99 29.88 19.62
C VAL A 360 -12.24 30.73 19.34
N PHE A 361 -13.38 30.08 19.10
CA PHE A 361 -14.67 30.76 18.91
C PHE A 361 -15.52 30.59 20.17
N LYS A 362 -16.30 31.61 20.53
CA LYS A 362 -17.16 31.57 21.72
C LYS A 362 -18.62 31.72 21.32
N LYS A 363 -19.48 30.80 21.80
CA LYS A 363 -20.91 30.85 21.51
C LYS A 363 -21.50 31.92 22.45
N GLU A 364 -21.87 33.08 21.89
CA GLU A 364 -22.40 34.19 22.68
C GLU A 364 -23.83 33.95 23.16
N ARG A 365 -24.17 34.54 24.32
CA ARG A 365 -25.50 34.43 24.90
C ARG A 365 -26.44 35.46 24.23
N ASN A 366 -27.74 35.14 24.15
CA ASN A 366 -28.77 35.97 23.51
C ASN A 366 -28.66 36.02 21.96
N THR A 367 -27.69 35.29 21.36
CA THR A 367 -27.51 35.25 19.90
C THR A 367 -26.83 33.95 19.46
N ASP A 368 -27.07 33.55 18.20
CA ASP A 368 -26.49 32.35 17.60
C ASP A 368 -25.13 32.64 16.94
N GLN A 369 -24.86 33.90 16.55
CA GLN A 369 -23.59 34.28 15.90
C GLN A 369 -22.39 34.08 16.85
N ALA A 370 -21.33 33.43 16.35
CA ALA A 370 -20.12 33.19 17.11
C ALA A 370 -19.22 34.43 17.15
N SER A 371 -18.35 34.51 18.15
CA SER A 371 -17.40 35.61 18.32
C SER A 371 -15.97 35.06 18.44
N MET A 372 -14.98 35.88 18.12
CA MET A 372 -13.56 35.52 18.22
C MET A 372 -12.92 36.59 19.13
N PRO A 373 -13.07 36.50 20.48
CA PRO A 373 -12.49 37.55 21.35
C PRO A 373 -10.98 37.72 21.19
N ASP A 374 -10.23 36.60 21.17
CA ASP A 374 -8.77 36.63 21.00
C ASP A 374 -8.43 36.30 19.56
N ASN A 375 -8.01 37.30 18.78
CA ASN A 375 -7.63 37.11 17.38
C ASN A 375 -6.12 36.86 17.18
N THR A 376 -5.38 36.50 18.24
CA THR A 376 -3.93 36.29 18.14
C THR A 376 -3.59 35.19 17.16
N ALA A 377 -4.26 34.03 17.26
CA ALA A 377 -4.02 32.92 16.35
C ALA A 377 -4.37 33.32 14.91
N ALA A 378 -5.49 34.02 14.71
CA ALA A 378 -5.92 34.51 13.39
C ALA A 378 -4.91 35.49 12.78
N GLN A 379 -4.29 36.35 13.62
CA GLN A 379 -3.27 37.30 13.17
C GLN A 379 -2.03 36.57 12.69
N LYS A 380 -1.63 35.49 13.39
CA LYS A 380 -0.47 34.69 13.01
C LYS A 380 -0.76 33.93 11.73
N VAL A 381 -1.98 33.39 11.58
CA VAL A 381 -2.43 32.66 10.38
C VAL A 381 -2.31 33.57 9.15
N CYS A 382 -2.88 34.79 9.23
CA CYS A 382 -2.89 35.73 8.12
C CYS A 382 -1.51 36.27 7.79
N HIS A 383 -0.62 36.39 8.78
CA HIS A 383 0.75 36.84 8.55
C HIS A 383 1.50 35.78 7.73
N LEU A 384 1.33 34.50 8.08
CA LEU A 384 2.01 33.40 7.38
C LEU A 384 1.38 33.13 6.00
N MET A 385 0.04 33.16 5.92
CA MET A 385 -0.67 32.91 4.66
C MET A 385 -0.75 34.15 3.73
N GLY A 386 -0.36 35.33 4.21
CA GLY A 386 -0.37 36.54 3.40
C GLY A 386 -1.75 37.08 3.06
N ILE A 387 -2.66 37.07 4.03
CA ILE A 387 -4.03 37.58 3.85
C ILE A 387 -4.37 38.63 4.92
N ASN A 388 -5.41 39.43 4.69
CA ASN A 388 -5.82 40.46 5.64
C ASN A 388 -6.59 39.82 6.80
N VAL A 389 -6.36 40.30 8.03
CA VAL A 389 -7.01 39.77 9.25
C VAL A 389 -8.48 40.15 9.28
N THR A 390 -8.80 41.42 9.01
CA THR A 390 -10.17 41.90 9.02
C THR A 390 -11.02 41.15 7.99
N ASP A 391 -10.47 40.88 6.79
CA ASP A 391 -11.19 40.14 5.75
C ASP A 391 -11.42 38.69 6.20
N PHE A 392 -10.37 38.01 6.71
CA PHE A 392 -10.47 36.63 7.17
C PHE A 392 -11.51 36.47 8.30
N THR A 393 -11.50 37.37 9.28
CA THR A 393 -12.43 37.32 10.41
C THR A 393 -13.89 37.46 9.95
N ARG A 394 -14.18 38.47 9.12
CA ARG A 394 -15.55 38.66 8.61
C ARG A 394 -15.95 37.53 7.65
N SER A 395 -15.00 36.94 6.91
CA SER A 395 -15.29 35.82 6.01
C SER A 395 -15.59 34.54 6.77
N ILE A 396 -14.88 34.29 7.88
CA ILE A 396 -15.07 33.08 8.68
C ILE A 396 -16.31 33.18 9.59
N LEU A 397 -16.67 34.39 10.07
CA LEU A 397 -17.83 34.56 10.96
C LEU A 397 -19.13 34.90 10.22
N THR A 398 -19.07 35.78 9.21
CA THR A 398 -20.25 36.19 8.45
C THR A 398 -19.99 36.11 6.92
N PRO A 399 -19.90 34.90 6.32
CA PRO A 399 -19.63 34.84 4.86
C PRO A 399 -20.85 35.21 4.01
N ARG A 400 -20.60 35.48 2.71
CA ARG A 400 -21.66 35.81 1.76
C ARG A 400 -21.90 34.56 0.91
N ILE A 401 -23.13 34.02 0.99
CA ILE A 401 -23.53 32.77 0.31
C ILE A 401 -24.44 33.10 -0.88
N LYS A 402 -24.29 32.36 -1.98
CA LYS A 402 -25.13 32.53 -3.16
C LYS A 402 -26.53 31.98 -2.87
N VAL A 403 -27.55 32.86 -2.91
CA VAL A 403 -28.95 32.50 -2.64
C VAL A 403 -29.78 32.86 -3.89
N GLY A 404 -29.45 32.19 -4.97
CA GLY A 404 -30.05 32.40 -6.28
C GLY A 404 -28.98 32.93 -7.21
N ARG A 405 -29.13 34.16 -7.70
CA ARG A 405 -28.13 34.79 -8.57
C ARG A 405 -27.21 35.76 -7.80
N ASP A 406 -27.71 36.36 -6.69
CA ASP A 406 -26.95 37.28 -5.84
C ASP A 406 -26.46 36.57 -4.54
N VAL A 407 -25.56 37.23 -3.78
CA VAL A 407 -25.03 36.68 -2.51
C VAL A 407 -25.56 37.49 -1.31
N VAL A 408 -25.66 36.85 -0.13
CA VAL A 408 -26.13 37.52 1.09
C VAL A 408 -25.33 37.03 2.32
N GLN A 409 -25.14 37.90 3.30
CA GLN A 409 -24.38 37.60 4.50
C GLN A 409 -25.17 36.63 5.40
N LYS A 410 -24.60 35.46 5.72
CA LYS A 410 -25.24 34.45 6.57
C LYS A 410 -24.43 34.24 7.85
N ALA A 411 -25.11 34.12 9.00
CA ALA A 411 -24.48 33.93 10.30
C ALA A 411 -23.80 32.56 10.45
N GLN A 412 -22.81 32.46 11.34
CA GLN A 412 -22.11 31.21 11.62
C GLN A 412 -22.08 30.99 13.13
N THR A 413 -22.49 29.80 13.59
CA THR A 413 -22.46 29.44 15.01
C THR A 413 -21.01 29.00 15.40
N LYS A 414 -20.74 28.71 16.69
CA LYS A 414 -19.41 28.26 17.11
C LYS A 414 -19.06 26.95 16.38
N GLU A 415 -20.02 26.03 16.27
CA GLU A 415 -19.82 24.74 15.60
C GLU A 415 -19.51 24.93 14.11
N GLN A 416 -20.24 25.83 13.43
CA GLN A 416 -20.03 26.11 12.01
C GLN A 416 -18.67 26.79 11.76
N ALA A 417 -18.27 27.74 12.62
CA ALA A 417 -16.99 28.43 12.48
C ALA A 417 -15.81 27.50 12.78
N ASP A 418 -15.92 26.66 13.83
CA ASP A 418 -14.86 25.69 14.16
C ASP A 418 -14.70 24.68 13.03
N PHE A 419 -15.83 24.17 12.49
CA PHE A 419 -15.81 23.23 11.37
C PHE A 419 -15.13 23.87 10.16
N ALA A 420 -15.45 25.15 9.89
CA ALA A 420 -14.88 25.86 8.76
C ALA A 420 -13.36 26.02 8.87
N VAL A 421 -12.86 26.34 10.06
CA VAL A 421 -11.43 26.51 10.29
C VAL A 421 -10.72 25.14 10.14
N GLU A 422 -11.31 24.08 10.71
CA GLU A 422 -10.77 22.72 10.62
C GLU A 422 -10.66 22.24 9.17
N ALA A 423 -11.70 22.48 8.36
CA ALA A 423 -11.68 22.08 6.95
C ALA A 423 -10.70 22.89 6.10
N LEU A 424 -10.41 24.15 6.47
CA LEU A 424 -9.42 24.95 5.76
C LEU A 424 -8.02 24.41 6.03
N ALA A 425 -7.75 23.98 7.28
CA ALA A 425 -6.45 23.42 7.67
C ALA A 425 -6.17 22.10 6.95
N LYS A 426 -7.19 21.25 6.78
CA LYS A 426 -7.05 19.98 6.07
C LYS A 426 -6.77 20.25 4.59
N ALA A 427 -7.50 21.20 3.98
CA ALA A 427 -7.32 21.56 2.57
C ALA A 427 -5.96 22.21 2.32
N THR A 428 -5.51 23.06 3.25
CA THR A 428 -4.21 23.72 3.14
C THR A 428 -3.10 22.68 3.16
N TYR A 429 -3.19 21.70 4.08
CA TYR A 429 -2.16 20.68 4.19
C TYR A 429 -2.15 19.73 2.97
N GLU A 430 -3.34 19.36 2.46
CA GLU A 430 -3.45 18.50 1.27
C GLU A 430 -2.81 19.19 0.07
N ARG A 431 -3.07 20.49 -0.13
CA ARG A 431 -2.50 21.25 -1.24
C ARG A 431 -0.97 21.38 -1.13
N LEU A 432 -0.44 21.49 0.10
CA LEU A 432 1.00 21.55 0.31
C LEU A 432 1.63 20.21 -0.09
N PHE A 433 1.05 19.08 0.37
CA PHE A 433 1.56 17.74 0.03
C PHE A 433 1.46 17.48 -1.48
N ARG A 434 0.46 18.07 -2.16
CA ARG A 434 0.27 17.95 -3.60
C ARG A 434 1.34 18.76 -4.35
N TRP A 435 1.70 19.95 -3.82
CA TRP A 435 2.71 20.81 -4.40
C TRP A 435 4.11 20.18 -4.26
N ILE A 436 4.39 19.59 -3.09
CA ILE A 436 5.68 18.93 -2.82
C ILE A 436 5.85 17.76 -3.80
N LEU A 437 4.82 16.92 -3.97
CA LEU A 437 4.86 15.80 -4.90
C LEU A 437 5.04 16.28 -6.35
N THR A 438 4.35 17.36 -6.76
CA THR A 438 4.49 17.89 -8.11
C THR A 438 5.94 18.31 -8.40
N ARG A 439 6.63 18.90 -7.40
CA ARG A 439 8.03 19.29 -7.55
C ARG A 439 9.00 18.10 -7.45
N VAL A 440 8.65 17.05 -6.67
CA VAL A 440 9.46 15.84 -6.58
C VAL A 440 9.44 15.16 -7.97
N ASN A 441 8.23 15.05 -8.58
CA ASN A 441 8.07 14.48 -9.91
C ASN A 441 8.71 15.34 -11.01
N LYS A 442 8.69 16.66 -10.86
CA LYS A 442 9.31 17.55 -11.83
C LYS A 442 10.83 17.32 -11.86
N ALA A 443 11.44 17.06 -10.69
CA ALA A 443 12.87 16.79 -10.59
C ALA A 443 13.23 15.39 -11.07
N LEU A 444 12.40 14.38 -10.77
CA LEU A 444 12.67 13.00 -11.16
C LEU A 444 12.37 12.69 -12.63
N ASP A 445 11.33 13.31 -13.22
CA ASP A 445 10.96 13.10 -14.62
C ASP A 445 11.46 14.28 -15.49
N LYS A 446 12.66 14.79 -15.17
CA LYS A 446 13.28 15.95 -15.83
C LYS A 446 13.99 15.58 -17.15
N THR A 447 14.40 14.30 -17.29
CA THR A 447 15.13 13.81 -18.47
C THR A 447 14.44 14.07 -19.82
N HIS A 448 15.24 14.07 -20.90
CA HIS A 448 14.77 14.20 -22.28
C HIS A 448 15.00 12.86 -23.06
N ARG A 449 15.37 11.75 -22.38
CA ARG A 449 15.65 10.46 -23.02
C ARG A 449 14.34 9.69 -23.21
N GLN A 450 14.25 8.92 -24.31
CA GLN A 450 13.06 8.15 -24.64
C GLN A 450 12.89 6.91 -23.76
N GLY A 451 11.84 6.90 -22.94
CA GLY A 451 11.54 5.75 -22.10
C GLY A 451 10.85 4.68 -22.91
N ALA A 452 11.40 3.45 -22.90
CA ALA A 452 10.84 2.32 -23.63
C ALA A 452 9.94 1.44 -22.76
N SER A 453 10.29 1.25 -21.48
CA SER A 453 9.52 0.41 -20.56
C SER A 453 9.51 1.01 -19.15
N PHE A 454 8.73 0.40 -18.23
CA PHE A 454 8.69 0.85 -16.84
C PHE A 454 8.50 -0.31 -15.88
N LEU A 455 8.93 -0.10 -14.63
CA LEU A 455 8.81 -1.04 -13.53
C LEU A 455 8.18 -0.22 -12.39
N GLY A 456 6.94 -0.54 -12.03
CA GLY A 456 6.21 0.17 -10.99
C GLY A 456 6.15 -0.60 -9.69
N ILE A 457 6.19 0.10 -8.56
CA ILE A 457 6.09 -0.54 -7.25
C ILE A 457 4.87 0.05 -6.55
N LEU A 458 3.93 -0.79 -6.14
CA LEU A 458 2.73 -0.31 -5.45
C LEU A 458 2.94 -0.43 -3.94
N ASP A 459 2.72 0.68 -3.22
CA ASP A 459 2.86 0.73 -1.78
C ASP A 459 1.65 1.49 -1.18
N ILE A 460 0.56 0.76 -0.94
CA ILE A 460 -0.68 1.32 -0.37
C ILE A 460 -0.62 1.33 1.18
N ALA A 461 -1.57 2.00 1.84
CA ALA A 461 -1.68 1.93 3.30
C ALA A 461 -2.33 0.57 3.58
N GLY A 462 -1.74 -0.19 4.49
CA GLY A 462 -2.23 -1.53 4.80
C GLY A 462 -3.51 -1.59 5.60
N PHE A 463 -4.10 -2.79 5.67
CA PHE A 463 -5.33 -3.09 6.40
C PHE A 463 -5.17 -2.69 7.86
N GLU A 464 -6.19 -2.03 8.44
CA GLU A 464 -6.11 -1.56 9.82
C GLU A 464 -7.47 -1.53 10.51
N ILE A 465 -7.51 -1.90 11.80
CA ILE A 465 -8.72 -1.90 12.62
C ILE A 465 -8.40 -1.13 13.91
N PHE A 466 -8.78 0.16 13.96
CA PHE A 466 -8.60 0.98 15.15
C PHE A 466 -9.86 0.87 16.06
N GLU A 467 -9.82 1.47 17.27
CA GLU A 467 -10.98 1.47 18.17
C GLU A 467 -12.20 2.13 17.48
N VAL A 468 -11.95 3.20 16.69
CA VAL A 468 -12.97 3.91 15.93
C VAL A 468 -12.47 3.98 14.48
N ASN A 469 -13.25 3.45 13.53
CA ASN A 469 -12.88 3.43 12.11
C ASN A 469 -13.82 4.34 11.33
N SER A 470 -13.28 5.40 10.72
CA SER A 470 -14.05 6.39 9.97
C SER A 470 -14.00 6.12 8.42
N PHE A 471 -14.41 7.10 7.58
CA PHE A 471 -14.42 6.96 6.12
C PHE A 471 -13.04 6.71 5.51
N GLU A 472 -11.97 7.19 6.18
CA GLU A 472 -10.61 6.98 5.70
C GLU A 472 -10.28 5.49 5.78
N GLN A 473 -10.57 4.85 6.92
CA GLN A 473 -10.32 3.41 7.15
C GLN A 473 -11.10 2.53 6.16
N LEU A 474 -12.35 2.90 5.80
CA LEU A 474 -13.15 2.14 4.85
C LEU A 474 -12.45 2.07 3.49
N CYS A 475 -12.04 3.22 2.95
CA CYS A 475 -11.37 3.28 1.66
C CYS A 475 -9.98 2.64 1.69
N ILE A 476 -9.28 2.67 2.83
CA ILE A 476 -7.96 2.04 2.96
C ILE A 476 -8.15 0.52 2.93
N ASN A 477 -9.04 -0.01 3.79
CA ASN A 477 -9.30 -1.45 3.85
C ASN A 477 -9.91 -1.99 2.57
N TYR A 478 -10.70 -1.18 1.86
CA TYR A 478 -11.27 -1.62 0.58
C TYR A 478 -10.18 -1.72 -0.49
N THR A 479 -9.17 -0.83 -0.49
CA THR A 479 -8.06 -0.91 -1.45
C THR A 479 -7.31 -2.25 -1.28
N ASN A 480 -7.14 -2.69 -0.01
CA ASN A 480 -6.51 -3.97 0.29
C ASN A 480 -7.38 -5.15 -0.18
N GLU A 481 -8.71 -5.00 -0.12
CA GLU A 481 -9.67 -5.99 -0.62
C GLU A 481 -9.48 -6.14 -2.13
N LYS A 482 -9.38 -5.01 -2.87
CA LYS A 482 -9.17 -5.04 -4.32
C LYS A 482 -7.81 -5.61 -4.67
N LEU A 483 -6.77 -5.30 -3.89
CA LEU A 483 -5.42 -5.81 -4.13
C LEU A 483 -5.37 -7.33 -3.85
N GLN A 484 -6.14 -7.82 -2.88
CA GLN A 484 -6.22 -9.25 -2.60
C GLN A 484 -6.97 -9.94 -3.75
N GLN A 485 -8.05 -9.34 -4.27
CA GLN A 485 -8.77 -9.93 -5.40
C GLN A 485 -7.94 -9.88 -6.69
N LEU A 486 -7.00 -8.92 -6.84
CA LEU A 486 -6.11 -8.89 -7.99
C LEU A 486 -5.17 -10.11 -7.92
N PHE A 487 -4.69 -10.46 -6.71
CA PHE A 487 -3.86 -11.64 -6.49
C PHE A 487 -4.65 -12.91 -6.81
N ASN A 488 -5.89 -13.01 -6.33
CA ASN A 488 -6.75 -14.17 -6.60
C ASN A 488 -7.00 -14.31 -8.11
N HIS A 489 -7.28 -13.20 -8.79
CA HIS A 489 -7.53 -13.22 -10.22
C HIS A 489 -6.29 -13.61 -11.01
N THR A 490 -5.11 -13.12 -10.62
CA THR A 490 -3.86 -13.41 -11.31
C THR A 490 -3.41 -14.87 -11.12
N MET A 491 -3.44 -15.36 -9.87
CA MET A 491 -2.97 -16.70 -9.54
C MET A 491 -3.90 -17.84 -9.92
N PHE A 492 -5.23 -17.65 -9.83
CA PHE A 492 -6.17 -18.74 -10.05
C PHE A 492 -7.04 -18.60 -11.31
N ILE A 493 -7.40 -17.38 -11.74
CA ILE A 493 -8.26 -17.21 -12.92
C ILE A 493 -7.40 -17.06 -14.21
N LEU A 494 -6.53 -16.05 -14.27
CA LEU A 494 -5.69 -15.82 -15.45
C LEU A 494 -4.71 -16.97 -15.71
N GLU A 495 -4.24 -17.64 -14.64
CA GLU A 495 -3.31 -18.76 -14.79
C GLU A 495 -4.01 -19.94 -15.48
N GLN A 496 -5.24 -20.28 -15.04
CA GLN A 496 -5.99 -21.38 -15.63
C GLN A 496 -6.59 -21.02 -17.00
N GLU A 497 -6.89 -19.73 -17.25
CA GLU A 497 -7.38 -19.29 -18.57
C GLU A 497 -6.26 -19.43 -19.61
N GLU A 498 -4.99 -19.17 -19.21
CA GLU A 498 -3.83 -19.31 -20.09
C GLU A 498 -3.65 -20.78 -20.51
N TYR A 499 -3.93 -21.75 -19.61
CA TYR A 499 -3.84 -23.16 -19.94
C TYR A 499 -4.85 -23.53 -21.04
N GLN A 500 -6.11 -23.07 -20.91
CA GLN A 500 -7.15 -23.33 -21.91
C GLN A 500 -6.87 -22.58 -23.22
N ARG A 501 -6.28 -21.38 -23.13
CA ARG A 501 -5.93 -20.56 -24.29
C ARG A 501 -4.92 -21.28 -25.19
N GLU A 502 -3.95 -21.99 -24.59
CA GLU A 502 -2.93 -22.75 -25.33
C GLU A 502 -3.33 -24.20 -25.68
N GLY A 503 -4.58 -24.59 -25.39
CA GLY A 503 -5.09 -25.91 -25.72
C GLY A 503 -4.51 -27.10 -24.98
N ILE A 504 -4.00 -26.91 -23.75
CA ILE A 504 -3.44 -28.03 -22.98
C ILE A 504 -4.54 -28.72 -22.17
N GLU A 505 -4.44 -30.04 -21.97
CA GLU A 505 -5.46 -30.80 -21.22
C GLU A 505 -5.44 -30.38 -19.75
N TRP A 506 -6.45 -29.62 -19.31
CA TRP A 506 -6.54 -29.10 -17.96
C TRP A 506 -8.00 -29.05 -17.47
N ASN A 507 -8.23 -29.46 -16.21
CA ASN A 507 -9.54 -29.40 -15.57
C ASN A 507 -9.50 -28.23 -14.59
N PHE A 508 -10.50 -27.33 -14.64
CA PHE A 508 -10.54 -26.15 -13.78
C PHE A 508 -10.71 -26.50 -12.30
N ILE A 509 -9.81 -26.00 -11.44
CA ILE A 509 -9.84 -26.22 -9.99
C ILE A 509 -10.37 -24.93 -9.36
N ASP A 510 -11.43 -25.01 -8.55
CA ASP A 510 -11.98 -23.84 -7.87
C ASP A 510 -11.31 -23.76 -6.49
N PHE A 511 -10.43 -22.76 -6.29
CA PHE A 511 -9.72 -22.59 -5.02
C PHE A 511 -10.51 -21.85 -3.92
N GLY A 512 -11.77 -21.48 -4.20
CA GLY A 512 -12.64 -20.83 -3.23
C GLY A 512 -12.32 -19.40 -2.85
N LEU A 513 -11.26 -18.79 -3.42
CA LEU A 513 -10.90 -17.41 -3.10
C LEU A 513 -11.48 -16.44 -4.14
N ASP A 514 -12.54 -15.73 -3.76
CA ASP A 514 -13.21 -14.74 -4.61
C ASP A 514 -13.92 -13.72 -3.72
N LEU A 515 -13.60 -12.43 -3.84
CA LEU A 515 -14.18 -11.38 -3.02
C LEU A 515 -15.13 -10.49 -3.84
N GLN A 516 -15.88 -11.07 -4.79
CA GLN A 516 -16.84 -10.30 -5.58
C GLN A 516 -17.99 -9.76 -4.70
N PRO A 517 -18.57 -10.51 -3.71
CA PRO A 517 -19.64 -9.92 -2.89
C PRO A 517 -19.24 -8.62 -2.19
N CYS A 518 -18.04 -8.56 -1.58
CA CYS A 518 -17.58 -7.34 -0.91
C CYS A 518 -17.30 -6.22 -1.90
N ILE A 519 -16.78 -6.56 -3.09
CA ILE A 519 -16.53 -5.56 -4.15
C ILE A 519 -17.85 -4.95 -4.62
N GLU A 520 -18.89 -5.78 -4.83
CA GLU A 520 -20.19 -5.27 -5.25
C GLU A 520 -20.84 -4.47 -4.11
N LEU A 521 -20.68 -4.90 -2.85
CA LEU A 521 -21.23 -4.20 -1.69
C LEU A 521 -20.74 -2.76 -1.56
N ILE A 522 -19.46 -2.48 -1.90
CA ILE A 522 -18.88 -1.15 -1.75
C ILE A 522 -18.77 -0.34 -3.05
N GLU A 523 -18.22 -0.93 -4.12
CA GLU A 523 -17.95 -0.22 -5.37
C GLU A 523 -19.05 -0.22 -6.44
N ARG A 524 -19.99 -1.19 -6.48
CA ARG A 524 -21.04 -1.22 -7.52
C ARG A 524 -21.84 0.11 -7.60
N PRO A 525 -21.94 0.77 -8.79
CA PRO A 525 -22.72 2.02 -8.85
C PRO A 525 -24.24 1.84 -8.85
N ASN A 526 -24.77 0.88 -9.65
CA ASN A 526 -26.21 0.64 -9.77
C ASN A 526 -26.55 -0.87 -9.81
N ASN A 527 -27.82 -1.21 -9.52
CA ASN A 527 -28.40 -2.56 -9.52
C ASN A 527 -27.69 -3.63 -8.59
N PRO A 528 -27.65 -3.49 -7.23
CA PRO A 528 -28.08 -2.36 -6.38
C PRO A 528 -26.95 -1.34 -6.09
N PRO A 529 -27.22 -0.09 -5.65
CA PRO A 529 -26.11 0.83 -5.35
C PRO A 529 -25.30 0.40 -4.13
N GLY A 530 -23.98 0.45 -4.23
CA GLY A 530 -23.09 0.07 -3.14
C GLY A 530 -23.01 1.12 -2.04
N VAL A 531 -22.14 0.88 -1.05
CA VAL A 531 -21.96 1.79 0.09
C VAL A 531 -21.56 3.20 -0.39
N LEU A 532 -20.53 3.29 -1.26
CA LEU A 532 -20.07 4.57 -1.78
C LEU A 532 -21.12 5.28 -2.65
N ALA A 533 -21.85 4.54 -3.50
CA ALA A 533 -22.91 5.12 -4.34
C ALA A 533 -24.04 5.66 -3.46
N LEU A 534 -24.41 4.92 -2.40
CA LEU A 534 -25.46 5.36 -1.47
C LEU A 534 -25.00 6.59 -0.68
N LEU A 535 -23.70 6.68 -0.34
CA LEU A 535 -23.16 7.84 0.37
C LEU A 535 -23.21 9.07 -0.52
N ASP A 536 -22.90 8.93 -1.82
CA ASP A 536 -22.96 10.05 -2.77
C ASP A 536 -24.41 10.51 -2.90
N GLU A 537 -25.36 9.57 -3.05
CA GLU A 537 -26.79 9.87 -3.18
C GLU A 537 -27.32 10.62 -1.95
N GLU A 538 -26.92 10.22 -0.74
CA GLU A 538 -27.39 10.89 0.48
C GLU A 538 -26.86 12.31 0.61
N CYS A 539 -25.64 12.58 0.13
CA CYS A 539 -25.07 13.93 0.19
C CYS A 539 -25.89 14.95 -0.60
N TRP A 540 -26.48 14.53 -1.74
CA TRP A 540 -27.28 15.44 -2.57
C TRP A 540 -28.75 15.51 -2.12
N PHE A 541 -29.02 15.33 -0.81
CA PHE A 541 -30.36 15.44 -0.22
C PHE A 541 -30.35 16.65 0.74
N PRO A 542 -31.44 17.43 0.87
CA PRO A 542 -31.37 18.63 1.74
C PRO A 542 -31.25 18.36 3.25
N LYS A 543 -32.17 17.58 3.84
CA LYS A 543 -32.18 17.30 5.28
C LYS A 543 -31.57 15.92 5.61
N ALA A 544 -30.45 15.57 4.94
CA ALA A 544 -29.81 14.28 5.18
C ALA A 544 -28.83 14.38 6.35
N THR A 545 -28.77 13.34 7.17
CA THR A 545 -27.89 13.24 8.33
C THR A 545 -27.04 11.95 8.24
N ASP A 546 -26.01 11.83 9.09
CA ASP A 546 -25.19 10.63 9.15
C ASP A 546 -26.03 9.42 9.62
N LYS A 547 -27.03 9.65 10.50
CA LYS A 547 -27.92 8.60 10.99
C LYS A 547 -28.81 8.07 9.85
N SER A 548 -29.31 8.97 8.98
CA SER A 548 -30.16 8.58 7.84
C SER A 548 -29.38 7.78 6.80
N PHE A 549 -28.07 8.02 6.66
CA PHE A 549 -27.24 7.27 5.71
C PHE A 549 -27.12 5.80 6.14
N VAL A 550 -26.85 5.55 7.42
CA VAL A 550 -26.74 4.19 7.95
C VAL A 550 -28.11 3.48 7.87
N GLU A 551 -29.23 4.22 8.05
CA GLU A 551 -30.58 3.64 7.94
C GLU A 551 -30.87 3.19 6.50
N LYS A 552 -30.50 4.00 5.49
CA LYS A 552 -30.70 3.62 4.08
C LYS A 552 -29.76 2.45 3.71
N LEU A 553 -28.55 2.42 4.30
CA LEU A 553 -27.56 1.37 4.11
C LEU A 553 -28.12 0.03 4.62
N CYS A 554 -28.83 0.06 5.76
CA CYS A 554 -29.44 -1.13 6.36
C CYS A 554 -30.65 -1.65 5.57
N THR A 555 -31.43 -0.77 4.93
CA THR A 555 -32.59 -1.22 4.15
C THR A 555 -32.15 -1.76 2.78
N GLU A 556 -31.19 -1.09 2.11
CA GLU A 556 -30.71 -1.47 0.79
C GLU A 556 -29.69 -2.62 0.77
N GLN A 557 -28.78 -2.68 1.76
CA GLN A 557 -27.74 -3.72 1.82
C GLN A 557 -27.78 -4.55 3.13
N GLY A 558 -28.90 -4.54 3.84
CA GLY A 558 -29.03 -5.25 5.11
C GLY A 558 -28.87 -6.76 5.02
N SER A 559 -29.48 -7.38 3.99
CA SER A 559 -29.40 -8.82 3.80
C SER A 559 -28.17 -9.27 2.97
N HIS A 560 -27.19 -8.38 2.72
CA HIS A 560 -25.99 -8.75 1.96
C HIS A 560 -25.10 -9.66 2.84
N PRO A 561 -24.51 -10.77 2.33
CA PRO A 561 -23.71 -11.64 3.22
C PRO A 561 -22.43 -11.05 3.81
N LYS A 562 -21.95 -9.89 3.33
CA LYS A 562 -20.75 -9.24 3.86
C LYS A 562 -21.05 -7.90 4.57
N PHE A 563 -22.33 -7.64 4.92
CA PHE A 563 -22.75 -6.44 5.64
C PHE A 563 -23.45 -6.88 6.92
N GLN A 564 -23.12 -6.25 8.06
CA GLN A 564 -23.73 -6.58 9.34
C GLN A 564 -24.38 -5.30 9.89
N LYS A 565 -25.70 -5.34 10.13
CA LYS A 565 -26.43 -4.18 10.66
C LYS A 565 -26.01 -3.90 12.11
N PRO A 566 -26.05 -2.65 12.61
CA PRO A 566 -25.65 -2.41 14.00
C PRO A 566 -26.68 -2.90 15.02
N LYS A 567 -26.22 -3.30 16.22
CA LYS A 567 -27.13 -3.72 17.28
C LYS A 567 -27.86 -2.47 17.80
N GLN A 568 -29.06 -2.64 18.35
CA GLN A 568 -29.87 -1.51 18.85
C GLN A 568 -29.18 -0.64 19.93
N LEU A 569 -28.06 -1.10 20.50
CA LEU A 569 -27.31 -0.30 21.49
C LEU A 569 -26.76 0.95 20.80
N LYS A 570 -26.17 0.80 19.60
CA LYS A 570 -25.64 1.92 18.82
C LYS A 570 -26.80 2.47 17.98
N ASP A 571 -27.18 3.73 18.17
CA ASP A 571 -28.32 4.33 17.45
C ASP A 571 -27.98 4.70 15.99
N LYS A 572 -27.89 3.66 15.12
CA LYS A 572 -27.56 3.78 13.70
C LYS A 572 -26.32 4.67 13.45
N THR A 573 -25.34 4.59 14.36
CA THR A 573 -24.08 5.34 14.28
C THR A 573 -23.01 4.50 13.58
N GLU A 574 -22.98 3.18 13.87
CA GLU A 574 -22.01 2.25 13.31
C GLU A 574 -22.65 1.22 12.35
N PHE A 575 -21.80 0.52 11.59
CA PHE A 575 -22.17 -0.59 10.69
C PHE A 575 -20.90 -1.41 10.40
N SER A 576 -21.02 -2.72 10.27
CA SER A 576 -19.84 -3.58 10.02
C SER A 576 -19.78 -4.09 8.59
N ILE A 577 -18.56 -4.39 8.12
CA ILE A 577 -18.30 -4.94 6.79
C ILE A 577 -17.37 -6.14 6.99
N ILE A 578 -17.71 -7.31 6.45
CA ILE A 578 -16.86 -8.49 6.57
C ILE A 578 -15.81 -8.42 5.45
N HIS A 579 -14.63 -7.90 5.78
CA HIS A 579 -13.53 -7.81 4.84
C HIS A 579 -12.80 -9.17 4.73
N TYR A 580 -11.92 -9.32 3.74
CA TYR A 580 -11.13 -10.54 3.54
C TYR A 580 -10.30 -10.87 4.79
N ALA A 581 -9.69 -9.85 5.43
CA ALA A 581 -8.86 -10.04 6.62
C ALA A 581 -9.71 -10.23 7.88
N GLY A 582 -10.76 -9.44 8.05
CA GLY A 582 -11.64 -9.58 9.21
C GLY A 582 -12.76 -8.56 9.24
N LYS A 583 -13.72 -8.75 10.18
CA LYS A 583 -14.86 -7.84 10.35
C LYS A 583 -14.37 -6.52 10.94
N VAL A 584 -14.84 -5.38 10.38
CA VAL A 584 -14.45 -4.05 10.84
C VAL A 584 -15.70 -3.20 11.13
N ASP A 585 -15.79 -2.63 12.35
CA ASP A 585 -16.92 -1.76 12.72
C ASP A 585 -16.59 -0.33 12.28
N TYR A 586 -17.44 0.28 11.45
CA TYR A 586 -17.25 1.63 10.95
C TYR A 586 -18.25 2.61 11.56
N ASN A 587 -17.75 3.69 12.17
CA ASN A 587 -18.58 4.74 12.75
C ASN A 587 -18.77 5.81 11.67
N ALA A 588 -20.00 5.95 11.15
CA ALA A 588 -20.28 6.89 10.07
C ALA A 588 -20.47 8.34 10.51
N SER A 589 -19.83 8.78 11.61
CA SER A 589 -19.94 10.16 12.05
C SER A 589 -19.12 11.06 11.12
N ALA A 590 -19.71 12.20 10.70
CA ALA A 590 -19.14 13.19 9.77
C ALA A 590 -18.83 12.64 8.35
N TRP A 591 -19.48 11.55 7.92
CA TRP A 591 -19.23 10.98 6.59
C TRP A 591 -19.82 11.81 5.45
N LEU A 592 -20.95 12.51 5.68
CA LEU A 592 -21.54 13.35 4.62
C LEU A 592 -20.66 14.56 4.37
N THR A 593 -20.11 15.17 5.44
CA THR A 593 -19.22 16.33 5.31
C THR A 593 -17.85 15.88 4.77
N LYS A 594 -17.35 14.69 5.14
CA LYS A 594 -16.07 14.18 4.63
C LYS A 594 -16.19 13.82 3.14
N ASN A 595 -17.35 13.33 2.69
CA ASN A 595 -17.56 12.98 1.29
C ASN A 595 -17.71 14.24 0.43
N MET A 596 -18.44 15.25 0.91
CA MET A 596 -18.62 16.49 0.14
C MET A 596 -17.35 17.35 0.17
N ASP A 597 -16.74 17.51 1.35
CA ASP A 597 -15.54 18.33 1.56
C ASP A 597 -15.84 19.82 1.27
N PRO A 598 -16.77 20.47 2.00
CA PRO A 598 -17.09 21.87 1.71
C PRO A 598 -16.07 22.87 2.24
N LEU A 599 -15.82 23.95 1.48
CA LEU A 599 -14.91 25.02 1.89
C LEU A 599 -15.56 26.39 1.82
N ASN A 600 -15.12 27.30 2.70
CA ASN A 600 -15.61 28.65 2.82
C ASN A 600 -15.03 29.40 1.64
N ASP A 601 -15.80 29.49 0.54
CA ASP A 601 -15.38 30.17 -0.69
C ASP A 601 -14.87 31.60 -0.47
N ASN A 602 -15.29 32.29 0.60
CA ASN A 602 -14.81 33.64 0.90
C ASN A 602 -13.34 33.59 1.35
N VAL A 603 -12.99 32.63 2.21
CA VAL A 603 -11.61 32.48 2.70
C VAL A 603 -10.72 31.91 1.57
N THR A 604 -11.26 31.01 0.71
CA THR A 604 -10.46 30.48 -0.40
C THR A 604 -10.18 31.59 -1.43
N SER A 605 -11.12 32.55 -1.61
CA SER A 605 -10.91 33.68 -2.52
C SER A 605 -9.79 34.59 -2.01
N LEU A 606 -9.68 34.76 -0.68
CA LEU A 606 -8.62 35.59 -0.09
C LEU A 606 -7.27 34.87 -0.24
N LEU A 607 -7.24 33.55 0.00
CA LEU A 607 -6.01 32.76 -0.16
C LEU A 607 -5.57 32.66 -1.63
N ASN A 608 -6.54 32.72 -2.58
CA ASN A 608 -6.25 32.73 -4.00
C ASN A 608 -5.50 34.02 -4.39
N ALA A 609 -5.92 35.17 -3.83
CA ALA A 609 -5.31 36.48 -4.08
C ALA A 609 -4.36 36.88 -2.94
N SER A 610 -3.57 35.92 -2.44
CA SER A 610 -2.65 36.16 -1.34
C SER A 610 -1.42 36.94 -1.79
N SER A 611 -0.85 37.77 -0.90
CA SER A 611 0.37 38.53 -1.18
C SER A 611 1.58 37.59 -1.28
N ASP A 612 1.57 36.45 -0.55
CA ASP A 612 2.64 35.46 -0.59
C ASP A 612 2.44 34.63 -1.87
N LYS A 613 3.45 34.59 -2.75
CA LYS A 613 3.36 33.86 -4.02
C LYS A 613 3.23 32.36 -3.82
N PHE A 614 3.87 31.79 -2.79
CA PHE A 614 3.79 30.35 -2.53
C PHE A 614 2.37 29.95 -2.10
N VAL A 615 1.71 30.78 -1.27
CA VAL A 615 0.35 30.49 -0.79
C VAL A 615 -0.61 30.62 -1.96
N ALA A 616 -0.47 31.69 -2.78
CA ALA A 616 -1.30 31.90 -3.97
C ALA A 616 -1.13 30.76 -5.00
N ASP A 617 0.05 30.11 -5.05
CA ASP A 617 0.32 29.00 -5.94
C ASP A 617 -0.43 27.73 -5.48
N LEU A 618 -0.58 27.54 -4.15
CA LEU A 618 -1.31 26.39 -3.61
C LEU A 618 -2.81 26.56 -3.84
N TRP A 619 -3.32 27.80 -3.72
CA TRP A 619 -4.75 28.08 -3.91
C TRP A 619 -5.03 28.69 -5.29
N LYS A 620 -4.34 28.22 -6.33
CA LYS A 620 -4.57 28.72 -7.68
C LYS A 620 -5.82 28.06 -8.26
N ASP A 621 -5.94 26.72 -8.11
CA ASP A 621 -7.10 25.97 -8.58
C ASP A 621 -8.21 26.03 -7.52
N VAL A 622 -9.20 26.91 -7.71
CA VAL A 622 -10.33 27.05 -6.78
C VAL A 622 -11.70 26.85 -7.49
N ASP A 623 -11.71 26.13 -8.62
CA ASP A 623 -12.93 25.90 -9.41
C ASP A 623 -13.65 24.62 -8.96
N ARG A 624 -12.91 23.55 -8.64
CA ARG A 624 -13.54 22.30 -8.18
C ARG A 624 -13.74 22.32 -6.66
N ILE A 625 -14.12 23.48 -6.09
CA ILE A 625 -14.36 23.62 -4.65
C ILE A 625 -15.87 23.73 -4.41
N VAL A 626 -16.45 22.75 -3.71
CA VAL A 626 -17.85 22.83 -3.28
C VAL A 626 -17.80 23.54 -1.92
N GLY A 627 -18.81 24.33 -1.59
CA GLY A 627 -18.80 25.07 -0.34
C GLY A 627 -20.13 25.54 0.22
N LEU A 628 -20.36 26.86 0.14
CA LEU A 628 -21.53 27.49 0.75
C LEU A 628 -22.66 27.63 -0.27
N ARG A 651 -17.19 16.95 -7.79
CA ARG A 651 -16.94 15.54 -7.50
C ARG A 651 -16.75 15.33 -5.99
N THR A 652 -17.34 14.26 -5.45
CA THR A 652 -17.19 13.93 -4.03
C THR A 652 -15.86 13.16 -3.82
N VAL A 653 -15.45 12.97 -2.56
CA VAL A 653 -14.22 12.24 -2.24
C VAL A 653 -14.37 10.75 -2.61
N GLY A 654 -15.56 10.18 -2.44
CA GLY A 654 -15.84 8.81 -2.83
C GLY A 654 -15.77 8.61 -4.34
N GLN A 655 -16.18 9.64 -5.11
CA GLN A 655 -16.10 9.61 -6.57
C GLN A 655 -14.63 9.72 -7.01
N LEU A 656 -13.84 10.58 -6.34
CA LEU A 656 -12.42 10.73 -6.65
C LEU A 656 -11.68 9.44 -6.31
N TYR A 657 -12.04 8.77 -5.19
CA TYR A 657 -11.47 7.50 -4.78
C TYR A 657 -11.61 6.45 -5.89
N LYS A 658 -12.83 6.29 -6.43
CA LYS A 658 -13.10 5.31 -7.49
C LYS A 658 -12.37 5.62 -8.79
N GLU A 659 -12.20 6.92 -9.13
CA GLU A 659 -11.48 7.28 -10.35
C GLU A 659 -9.97 7.03 -10.16
N GLN A 660 -9.44 7.23 -8.95
CA GLN A 660 -8.03 6.93 -8.66
C GLN A 660 -7.80 5.41 -8.66
N LEU A 661 -8.75 4.64 -8.10
CA LEU A 661 -8.67 3.19 -8.02
C LEU A 661 -8.79 2.54 -9.41
N GLY A 662 -9.69 3.04 -10.23
CA GLY A 662 -9.89 2.55 -11.58
C GLY A 662 -8.66 2.77 -12.45
N LYS A 663 -8.02 3.94 -12.30
CA LYS A 663 -6.81 4.28 -13.04
C LYS A 663 -5.65 3.34 -12.65
N LEU A 664 -5.50 3.02 -11.35
CA LEU A 664 -4.46 2.10 -10.90
C LEU A 664 -4.70 0.69 -11.46
N MET A 665 -5.95 0.20 -11.39
CA MET A 665 -6.26 -1.14 -11.86
C MET A 665 -6.03 -1.28 -13.37
N THR A 666 -6.38 -0.24 -14.16
CA THR A 666 -6.15 -0.26 -15.61
C THR A 666 -4.63 -0.35 -15.89
N THR A 667 -3.85 0.45 -15.15
CA THR A 667 -2.38 0.46 -15.27
C THR A 667 -1.81 -0.92 -14.90
N LEU A 668 -2.27 -1.53 -13.80
CA LEU A 668 -1.76 -2.82 -13.36
C LEU A 668 -2.16 -3.96 -14.29
N ARG A 669 -3.35 -3.89 -14.91
CA ARG A 669 -3.76 -4.91 -15.87
C ARG A 669 -2.82 -4.92 -17.10
N ASN A 670 -2.23 -3.76 -17.46
CA ASN A 670 -1.27 -3.66 -18.57
C ASN A 670 0.19 -3.93 -18.13
N THR A 671 0.39 -4.62 -16.99
CA THR A 671 1.72 -4.99 -16.48
C THR A 671 1.73 -6.47 -16.01
N THR A 672 2.94 -7.08 -15.86
CA THR A 672 3.09 -8.43 -15.36
C THR A 672 3.35 -8.30 -13.84
N PRO A 673 2.37 -8.59 -12.95
CA PRO A 673 2.61 -8.37 -11.52
C PRO A 673 3.47 -9.41 -10.82
N ASN A 674 4.16 -8.98 -9.75
CA ASN A 674 5.04 -9.80 -8.91
C ASN A 674 4.63 -9.48 -7.47
N PHE A 675 3.94 -10.40 -6.82
CA PHE A 675 3.41 -10.17 -5.46
C PHE A 675 4.43 -10.49 -4.35
N VAL A 676 4.58 -9.54 -3.40
CA VAL A 676 5.44 -9.66 -2.22
C VAL A 676 4.49 -9.60 -1.04
N ARG A 677 4.23 -10.73 -0.39
CA ARG A 677 3.28 -10.79 0.71
C ARG A 677 4.02 -10.54 2.02
N CYS A 678 3.79 -9.38 2.63
CA CYS A 678 4.44 -9.01 3.88
C CYS A 678 3.56 -9.52 5.03
N ILE A 679 4.15 -10.30 5.94
CA ILE A 679 3.45 -10.89 7.08
C ILE A 679 3.97 -10.23 8.35
N ILE A 680 3.06 -9.70 9.20
CA ILE A 680 3.44 -9.08 10.48
C ILE A 680 3.55 -10.22 11.54
N PRO A 681 4.67 -10.36 12.28
CA PRO A 681 4.78 -11.47 13.25
C PRO A 681 3.99 -11.29 14.55
N ASN A 682 3.92 -10.05 15.06
CA ASN A 682 3.21 -9.75 16.31
C ASN A 682 2.67 -8.32 16.32
N HIS A 683 1.66 -8.05 17.16
CA HIS A 683 1.06 -6.71 17.28
C HIS A 683 1.77 -5.82 18.33
N GLU A 684 2.93 -6.25 18.88
CA GLU A 684 3.66 -5.49 19.88
C GLU A 684 4.91 -4.78 19.34
N LYS A 685 5.22 -4.91 18.02
CA LYS A 685 6.39 -4.28 17.40
C LYS A 685 7.70 -4.80 18.01
N ARG A 686 7.77 -6.13 18.24
CA ARG A 686 8.92 -6.76 18.86
C ARG A 686 9.66 -7.69 17.90
N SER A 687 10.97 -7.84 18.12
CA SER A 687 11.82 -8.74 17.35
C SER A 687 11.93 -10.07 18.11
N GLY A 688 12.02 -11.18 17.38
CA GLY A 688 12.14 -12.50 17.96
C GLY A 688 10.87 -13.00 18.62
N LYS A 689 9.72 -12.66 18.06
CA LYS A 689 8.41 -13.07 18.55
C LYS A 689 7.50 -13.33 17.35
N LEU A 690 7.03 -14.57 17.19
CA LEU A 690 6.18 -14.95 16.07
C LEU A 690 4.87 -15.54 16.60
N ASP A 691 3.80 -14.72 16.61
CA ASP A 691 2.49 -15.15 17.07
C ASP A 691 1.92 -16.06 15.97
N ALA A 692 1.96 -17.38 16.19
CA ALA A 692 1.54 -18.39 15.23
C ALA A 692 0.13 -18.23 14.67
N PHE A 693 -0.86 -17.87 15.50
CA PHE A 693 -2.24 -17.72 15.04
C PHE A 693 -2.44 -16.45 14.21
N LEU A 694 -1.69 -15.38 14.54
CA LEU A 694 -1.74 -14.15 13.74
C LEU A 694 -1.14 -14.43 12.36
N VAL A 695 -0.02 -15.20 12.30
CA VAL A 695 0.63 -15.57 11.04
C VAL A 695 -0.30 -16.49 10.23
N LEU A 696 -0.91 -17.48 10.90
CA LEU A 696 -1.84 -18.43 10.28
C LEU A 696 -3.05 -17.70 9.68
N GLU A 697 -3.61 -16.71 10.40
CA GLU A 697 -4.75 -15.93 9.89
C GLU A 697 -4.35 -15.12 8.66
N GLN A 698 -3.14 -14.54 8.66
CA GLN A 698 -2.67 -13.78 7.49
C GLN A 698 -2.45 -14.69 6.28
N LEU A 699 -1.90 -15.90 6.49
CA LEU A 699 -1.68 -16.84 5.38
C LEU A 699 -3.03 -17.31 4.80
N ARG A 700 -4.09 -17.39 5.62
CA ARG A 700 -5.42 -17.81 5.15
C ARG A 700 -6.08 -16.70 4.31
N CYS A 701 -6.17 -15.47 4.84
CA CYS A 701 -6.80 -14.37 4.12
C CYS A 701 -5.99 -13.93 2.89
N ASN A 702 -4.64 -14.07 2.94
CA ASN A 702 -3.76 -13.77 1.81
C ASN A 702 -3.86 -14.84 0.70
N GLY A 703 -4.19 -16.08 1.07
CA GLY A 703 -4.30 -17.18 0.12
C GLY A 703 -2.94 -17.72 -0.26
N VAL A 704 -2.03 -17.82 0.72
CA VAL A 704 -0.66 -18.28 0.49
C VAL A 704 -0.67 -19.78 0.16
N LEU A 705 -1.33 -20.60 0.98
CA LEU A 705 -1.41 -22.06 0.75
C LEU A 705 -2.05 -22.39 -0.61
N GLU A 706 -3.13 -21.69 -0.98
CA GLU A 706 -3.81 -21.92 -2.25
C GLU A 706 -2.92 -21.48 -3.42
N GLY A 707 -2.20 -20.38 -3.24
CA GLY A 707 -1.26 -19.88 -4.23
C GLY A 707 -0.08 -20.80 -4.47
N ILE A 708 0.37 -21.53 -3.44
CA ILE A 708 1.44 -22.51 -3.58
C ILE A 708 0.87 -23.77 -4.29
N ARG A 709 -0.37 -24.16 -3.91
CA ARG A 709 -1.11 -25.28 -4.49
C ARG A 709 -1.26 -25.17 -6.02
N ILE A 710 -1.64 -23.97 -6.55
CA ILE A 710 -1.77 -23.77 -8.02
C ILE A 710 -0.39 -23.91 -8.73
N CYS A 711 0.71 -23.60 -8.03
CA CYS A 711 2.06 -23.74 -8.57
C CYS A 711 2.41 -25.23 -8.67
N ARG A 712 2.10 -26.02 -7.62
CA ARG A 712 2.38 -27.46 -7.61
C ARG A 712 1.46 -28.26 -8.52
N GLN A 713 0.16 -27.96 -8.53
CA GLN A 713 -0.81 -28.68 -9.35
C GLN A 713 -0.79 -28.26 -10.82
N GLY A 714 -0.41 -27.02 -11.11
CA GLY A 714 -0.35 -26.50 -12.47
C GLY A 714 1.04 -26.53 -13.07
N PHE A 715 1.29 -25.61 -14.01
CA PHE A 715 2.56 -25.44 -14.69
C PHE A 715 2.94 -23.96 -14.60
N PRO A 716 3.66 -23.53 -13.55
CA PRO A 716 3.95 -22.09 -13.39
C PRO A 716 4.88 -21.46 -14.42
N ASN A 717 5.89 -22.20 -14.91
CA ASN A 717 6.85 -21.64 -15.85
C ASN A 717 6.44 -21.87 -17.31
N ARG A 718 6.40 -20.79 -18.11
CA ARG A 718 6.04 -20.81 -19.53
C ARG A 718 7.23 -20.26 -20.34
N ILE A 719 7.49 -20.83 -21.52
CA ILE A 719 8.61 -20.40 -22.37
C ILE A 719 8.25 -20.67 -23.84
N VAL A 720 8.43 -19.66 -24.72
CA VAL A 720 8.11 -19.83 -26.15
C VAL A 720 9.09 -20.82 -26.81
N PHE A 721 8.69 -21.42 -27.93
CA PHE A 721 9.50 -22.42 -28.63
C PHE A 721 10.88 -21.90 -29.05
N GLN A 722 10.99 -20.64 -29.49
CA GLN A 722 12.27 -20.06 -29.91
C GLN A 722 13.24 -19.91 -28.73
N GLU A 723 12.76 -19.42 -27.57
CA GLU A 723 13.61 -19.24 -26.38
C GLU A 723 14.00 -20.58 -25.76
N PHE A 724 13.12 -21.60 -25.85
CA PHE A 724 13.46 -22.93 -25.32
C PHE A 724 14.57 -23.53 -26.19
N ARG A 725 14.41 -23.45 -27.51
CA ARG A 725 15.39 -23.98 -28.46
C ARG A 725 16.73 -23.27 -28.35
N GLN A 726 16.73 -21.93 -28.28
CA GLN A 726 17.97 -21.15 -28.18
C GLN A 726 18.71 -21.36 -26.85
N ARG A 727 17.99 -21.27 -25.71
CA ARG A 727 18.59 -21.40 -24.38
C ARG A 727 19.08 -22.81 -24.03
N TYR A 728 18.32 -23.87 -24.37
CA TYR A 728 18.70 -25.24 -23.98
C TYR A 728 19.18 -26.14 -25.12
N GLU A 729 19.58 -25.59 -26.28
CA GLU A 729 20.11 -26.43 -27.37
C GLU A 729 21.50 -27.00 -27.00
N ILE A 730 22.24 -26.34 -26.08
CA ILE A 730 23.54 -26.84 -25.62
C ILE A 730 23.40 -28.20 -24.90
N LEU A 731 22.23 -28.50 -24.29
CA LEU A 731 21.98 -29.78 -23.61
C LEU A 731 21.60 -30.92 -24.57
N ALA A 732 21.22 -30.61 -25.82
CA ALA A 732 20.88 -31.60 -26.84
C ALA A 732 21.38 -31.08 -28.19
N ALA A 733 22.71 -30.95 -28.31
CA ALA A 733 23.36 -30.39 -29.49
C ALA A 733 23.12 -31.19 -30.78
N ASN A 734 23.20 -32.53 -30.73
CA ASN A 734 23.03 -33.37 -31.93
C ASN A 734 21.60 -33.94 -32.01
N ALA A 735 20.58 -33.11 -31.72
CA ALA A 735 19.18 -33.52 -31.77
C ALA A 735 18.44 -32.91 -32.96
N ILE A 736 18.67 -31.61 -33.25
CA ILE A 736 17.99 -30.93 -34.35
C ILE A 736 18.89 -30.94 -35.61
N PRO A 737 18.42 -31.39 -36.79
CA PRO A 737 19.29 -31.32 -37.99
C PRO A 737 19.53 -29.88 -38.47
N LYS A 738 20.57 -29.69 -39.29
CA LYS A 738 20.91 -28.35 -39.80
C LYS A 738 19.83 -27.78 -40.72
N GLY A 739 19.77 -26.45 -40.80
CA GLY A 739 18.81 -25.74 -41.64
C GLY A 739 17.57 -25.29 -40.91
N PHE A 740 16.51 -24.96 -41.68
CA PHE A 740 15.26 -24.49 -41.10
C PHE A 740 14.48 -25.63 -40.45
N MET A 741 13.88 -25.34 -39.29
CA MET A 741 13.07 -26.30 -38.55
C MET A 741 12.01 -25.53 -37.77
N ASP A 742 10.76 -26.02 -37.77
CA ASP A 742 9.65 -25.41 -37.02
C ASP A 742 10.01 -25.43 -35.53
N GLY A 743 9.78 -24.30 -34.85
CA GLY A 743 10.09 -24.17 -33.43
C GLY A 743 9.46 -25.23 -32.54
N LYS A 744 8.18 -25.52 -32.79
CA LYS A 744 7.45 -26.55 -32.04
C LYS A 744 8.06 -27.92 -32.25
N GLN A 745 8.44 -28.26 -33.50
CA GLN A 745 9.05 -29.57 -33.81
C GLN A 745 10.49 -29.67 -33.29
N ALA A 746 11.27 -28.59 -33.32
CA ALA A 746 12.64 -28.59 -32.79
C ALA A 746 12.62 -28.90 -31.29
N CYS A 747 11.64 -28.34 -30.56
CA CYS A 747 11.50 -28.58 -29.12
C CYS A 747 11.10 -30.02 -28.83
N ILE A 748 10.24 -30.62 -29.66
CA ILE A 748 9.83 -32.02 -29.49
C ILE A 748 11.08 -32.92 -29.68
N LEU A 749 11.89 -32.64 -30.70
CA LEU A 749 13.15 -33.37 -30.95
C LEU A 749 14.12 -33.22 -29.78
N MET A 750 14.20 -32.03 -29.17
CA MET A 750 15.06 -31.79 -28.01
C MET A 750 14.57 -32.50 -26.75
N ILE A 751 13.25 -32.52 -26.51
CA ILE A 751 12.68 -33.16 -25.32
C ILE A 751 12.86 -34.69 -25.40
N LYS A 752 12.74 -35.27 -26.61
CA LYS A 752 12.98 -36.71 -26.80
C LYS A 752 14.43 -37.05 -26.45
N ALA A 753 15.39 -36.21 -26.88
CA ALA A 753 16.81 -36.40 -26.60
C ALA A 753 17.12 -36.19 -25.11
N LEU A 754 16.50 -35.18 -24.48
CA LEU A 754 16.69 -34.92 -23.04
C LEU A 754 16.09 -36.01 -22.15
N GLU A 755 15.10 -36.78 -22.66
CA GLU A 755 14.44 -37.87 -21.93
C GLU A 755 13.72 -37.34 -20.69
N LEU A 756 12.78 -36.41 -20.89
CA LEU A 756 12.01 -35.83 -19.79
C LEU A 756 10.71 -36.61 -19.60
N ASP A 757 10.27 -36.74 -18.35
CA ASP A 757 9.02 -37.44 -18.02
C ASP A 757 7.83 -36.65 -18.65
N PRO A 758 6.88 -37.27 -19.38
CA PRO A 758 5.80 -36.47 -20.00
C PRO A 758 4.91 -35.68 -19.05
N ASN A 759 4.78 -36.11 -17.78
CA ASN A 759 3.97 -35.39 -16.79
C ASN A 759 4.63 -34.03 -16.39
N LEU A 760 5.94 -33.89 -16.58
CA LEU A 760 6.66 -32.65 -16.23
C LEU A 760 6.45 -31.48 -17.21
N TYR A 761 5.80 -31.69 -18.38
CA TYR A 761 5.60 -30.62 -19.36
C TYR A 761 4.37 -30.85 -20.25
N ARG A 762 3.89 -29.76 -20.90
CA ARG A 762 2.79 -29.81 -21.87
C ARG A 762 3.14 -28.87 -23.03
N ILE A 763 2.91 -29.33 -24.27
CA ILE A 763 3.21 -28.55 -25.46
C ILE A 763 1.94 -27.79 -25.85
N GLY A 764 2.00 -26.46 -25.82
CA GLY A 764 0.87 -25.62 -26.18
C GLY A 764 0.87 -25.23 -27.64
N GLN A 765 0.13 -24.17 -27.98
CA GLN A 765 0.06 -23.69 -29.36
C GLN A 765 1.28 -22.83 -29.69
N SER A 766 1.70 -21.96 -28.77
CA SER A 766 2.85 -21.07 -28.97
C SER A 766 3.98 -21.23 -27.94
N LYS A 767 3.78 -22.02 -26.86
CA LYS A 767 4.81 -22.16 -25.82
C LYS A 767 4.72 -23.48 -25.07
N ILE A 768 5.82 -23.85 -24.36
CA ILE A 768 5.92 -25.07 -23.58
C ILE A 768 5.71 -24.74 -22.10
N PHE A 769 4.83 -25.47 -21.42
CA PHE A 769 4.52 -25.31 -20.01
C PHE A 769 5.36 -26.30 -19.19
N PHE A 770 5.86 -25.90 -18.01
CA PHE A 770 6.70 -26.77 -17.17
C PHE A 770 6.27 -26.77 -15.71
N ARG A 771 6.49 -27.90 -14.99
CA ARG A 771 6.17 -27.98 -13.56
C ARG A 771 7.21 -27.16 -12.74
N THR A 772 6.93 -26.90 -11.46
CA THR A 772 7.82 -26.13 -10.60
C THR A 772 9.21 -26.79 -10.50
N GLY A 773 10.26 -25.98 -10.61
CA GLY A 773 11.62 -26.47 -10.49
C GLY A 773 12.18 -27.23 -11.68
N VAL A 774 11.35 -27.55 -12.68
CA VAL A 774 11.80 -28.30 -13.87
C VAL A 774 12.70 -27.40 -14.71
N LEU A 775 12.25 -26.18 -15.01
CA LEU A 775 13.04 -25.22 -15.79
C LEU A 775 14.27 -24.73 -15.01
N ALA A 776 14.22 -24.74 -13.66
CA ALA A 776 15.36 -24.37 -12.83
C ALA A 776 16.45 -25.44 -12.96
N HIS A 777 16.07 -26.74 -13.04
CA HIS A 777 17.02 -27.83 -13.22
C HIS A 777 17.69 -27.74 -14.59
N LEU A 778 16.93 -27.38 -15.63
CA LEU A 778 17.50 -27.21 -16.98
C LEU A 778 18.52 -26.07 -16.99
N GLU A 779 18.27 -24.98 -16.26
CA GLU A 779 19.21 -23.85 -16.17
C GLU A 779 20.49 -24.27 -15.43
N GLU A 780 20.35 -25.09 -14.37
CA GLU A 780 21.50 -25.57 -13.61
C GLU A 780 22.36 -26.52 -14.46
N GLU A 781 21.73 -27.35 -15.32
CA GLU A 781 22.45 -28.24 -16.22
C GLU A 781 23.16 -27.44 -17.34
N ARG A 782 22.58 -26.31 -17.76
CA ARG A 782 23.16 -25.42 -18.78
C ARG A 782 24.49 -24.83 -18.27
N ASP A 783 24.60 -24.56 -16.95
CA ASP A 783 25.83 -24.03 -16.35
C ASP A 783 26.98 -25.03 -16.46
N LEU A 784 26.70 -26.35 -16.33
CA LEU A 784 27.71 -27.40 -16.44
C LEU A 784 28.47 -27.32 -17.77
N LYS A 785 27.76 -27.04 -18.88
CA LYS A 785 28.39 -26.90 -20.19
C LYS A 785 29.18 -25.59 -20.26
N ILE A 786 30.53 -25.68 -20.24
CA ILE A 786 31.42 -24.52 -20.30
C ILE A 786 32.39 -24.69 -21.48
PB ADP B . 3.93 -0.86 6.15
O1B ADP B . 2.83 -0.18 6.93
O2B ADP B . 3.60 -2.29 5.76
O3B ADP B . 4.43 -0.02 4.98
PA ADP B . 6.72 -0.52 7.18
O1A ADP B . 7.41 -0.97 5.95
O2A ADP B . 6.75 0.92 7.54
O3A ADP B . 5.19 -1.00 7.14
O5' ADP B . 7.26 -1.40 8.38
C5' ADP B . 6.95 -1.05 9.75
C4' ADP B . 8.23 -0.94 10.56
O4' ADP B . 8.76 -2.28 10.78
C3' ADP B . 9.37 -0.18 9.89
O3' ADP B . 9.29 1.23 10.12
C2' ADP B . 10.60 -0.80 10.54
O2' ADP B . 10.87 -0.25 11.83
C1' ADP B . 10.17 -2.27 10.63
N9 ADP B . 10.53 -3.08 9.48
C8 ADP B . 9.70 -3.54 8.47
N7 ADP B . 10.30 -4.26 7.56
C5 ADP B . 11.62 -4.30 7.98
C6 ADP B . 12.77 -4.92 7.47
N6 ADP B . 12.78 -5.64 6.34
N1 ADP B . 13.94 -4.76 8.14
C2 ADP B . 13.93 -4.04 9.26
N3 ADP B . 12.91 -3.41 9.85
C4 ADP B . 11.77 -3.58 9.17
H5'1 ADP B . 6.36 -0.14 9.86
H5'2 ADP B . 6.34 -1.86 10.15
H4' ADP B . 8.00 -0.51 11.54
H3' ADP B . 9.44 -0.36 8.82
H2' ADP B . 11.50 -0.65 9.95
H1' ADP B . 10.57 -2.79 11.52
H8 ADP B . 8.65 -3.29 8.45
HN61 ADP B . 13.66 -6.05 6.03
HN62 ADP B . 11.90 -5.75 5.84
H2 ADP B . 14.89 -3.94 9.76
V VO4 C . 1.13 1.21 6.71
O1 VO4 C . 1.38 1.02 8.23
O2 VO4 C . -0.10 2.17 6.53
O3 VO4 C . 2.37 1.87 6.02
O4 VO4 C . 0.79 -0.15 6.02
MG MG D . 3.98 2.02 4.63
S DMS E . -5.77 -5.55 12.61
O DMS E . -5.12 -4.43 11.84
C1 DMS E . -4.58 -6.13 13.87
C2 DMS E . -5.74 -7.04 11.57
H11 DMS E . -4.63 -7.22 13.92
H12 DMS E . -3.57 -5.82 13.58
H13 DMS E . -4.84 -5.72 14.83
H21 DMS E . -6.22 -7.86 12.11
H22 DMS E . -6.29 -6.85 10.64
H23 DMS E . -4.71 -7.31 11.34
C1 EDO F . 1.11 5.36 -13.40
O1 EDO F . 2.49 5.34 -13.04
C2 EDO F . 0.93 5.25 -14.90
O2 EDO F . 1.84 4.31 -15.49
H11 EDO F . 0.61 4.53 -12.88
H12 EDO F . 0.70 6.30 -13.04
HO1 EDO F . 2.53 5.52 -12.10
H21 EDO F . -0.08 4.89 -15.13
H22 EDO F . 1.08 6.21 -15.38
HO2 EDO F . 1.68 3.45 -15.06
C1 EDO G . -8.66 10.22 11.66
O1 EDO G . -7.96 11.13 10.82
C2 EDO G . -9.46 9.25 10.83
O2 EDO G . -8.58 8.32 10.21
H11 EDO G . -7.93 9.70 12.28
H12 EDO G . -9.32 10.80 12.30
HO1 EDO G . -7.26 10.62 10.38
H21 EDO G . -10.14 8.67 11.47
H22 EDO G . -10.02 9.77 10.05
HO2 EDO G . -8.06 8.81 9.55
C1 EDO H . -14.11 25.23 5.36
O1 EDO H . -13.45 26.28 4.67
C2 EDO H . -15.61 25.48 5.44
O2 EDO H . -16.28 24.35 5.93
H11 EDO H . -13.92 24.24 4.92
H12 EDO H . -13.63 25.22 6.34
HO1 EDO H . -12.81 25.92 4.04
H21 EDO H . -15.84 26.34 6.07
H22 EDO H . -16.02 25.70 4.45
HO2 EDO H . -17.23 24.57 5.95
C25 A1IGE I . -7.42 4.64 -4.78
C24 A1IGE I . -6.58 4.57 -3.53
C23 A1IGE I . -6.99 5.29 -2.41
C21 A1IGE I . -4.23 4.60 0.02
C18 A1IGE I . -11.88 8.76 1.89
C16 A1IGE I . -9.56 8.29 2.18
C14 A1IGE I . -8.20 9.72 3.31
C1 A1IGE I . -4.93 2.96 -4.64
C5 A1IGE I . -6.25 5.25 -1.22
C12 A1IGE I . -7.23 7.75 2.35
C3 A1IGE I . -4.66 3.78 -2.29
C8 A1IGE I . -4.44 5.92 0.70
C9 A1IGE I . -4.00 5.92 2.16
C2 A1IGE I . -5.39 3.80 -3.47
C4 A1IGE I . -5.08 4.51 -1.18
N6 A1IGE I . -6.75 5.94 -0.11
C7 A1IGE I . -5.91 6.26 0.82
C10 A1IGE I . -4.90 6.93 2.85
N11 A1IGE I . -6.09 6.98 1.98
C13 A1IGE I . -7.09 8.94 3.08
N15 A1IGE I . -9.44 9.41 2.88
O17 A1IGE I . -10.74 7.94 1.64
C19 A1IGE I . -8.51 7.43 1.90
O20 A1IGE I . -3.84 6.94 -0.08
O22 A1IGE I . -3.46 3.73 0.37
H25B A1IGE I . -8.31 5.27 -4.64
H25A A1IGE I . -7.78 3.65 -5.05
H25C A1IGE I . -6.85 5.07 -5.60
H23 A1IGE I . -7.88 5.90 -2.44
H18A A1IGE I . -12.72 8.35 1.33
H18C A1IGE I . -11.71 9.78 1.53
H18B A1IGE I . -12.14 8.76 2.95
H14 A1IGE I . -8.13 10.64 3.87
H1B A1IGE I . -4.04 2.41 -4.37
H1A A1IGE I . -4.71 3.59 -5.50
H1C A1IGE I . -5.68 2.23 -4.94
H3 A1IGE I . -3.74 3.20 -2.23
H9B A1IGE I . -2.95 6.21 2.26
H9A A1IGE I . -4.09 4.94 2.62
H10B A1IGE I . -4.42 7.90 2.88
H10A A1IGE I . -5.12 6.60 3.87
H13 A1IGE I . -6.15 9.30 3.48
H19 A1IGE I . -8.72 6.54 1.33
H20 A1IGE I . -4.28 7.80 0.08
C1 EDO J . -9.44 -8.08 -9.51
O1 EDO J . -8.90 -8.47 -10.75
C2 EDO J . -9.07 -6.65 -9.22
O2 EDO J . -9.34 -6.32 -7.87
H11 EDO J . -10.53 -8.19 -9.55
H12 EDO J . -9.03 -8.74 -8.75
HO1 EDO J . -9.13 -9.41 -10.88
H21 EDO J . -8.00 -6.50 -9.40
H22 EDO J . -9.64 -5.96 -9.86
HO2 EDO J . -8.86 -5.51 -7.64
S DMS K . 1.07 -7.46 -19.32
O DMS K . 2.32 -6.68 -19.61
C1 DMS K . 1.35 -9.16 -19.86
C2 DMS K . -0.14 -7.05 -20.61
H11 DMS K . 0.39 -9.69 -19.85
H12 DMS K . 1.76 -9.18 -20.87
H13 DMS K . 2.03 -9.66 -19.16
H21 DMS K . -1.10 -7.48 -20.33
H22 DMS K . -0.23 -5.96 -20.69
H23 DMS K . 0.18 -7.47 -21.56
C1 EDO L . 5.54 -0.98 12.92
O1 EDO L . 4.39 -1.67 13.36
C2 EDO L . 6.23 -0.23 14.06
O2 EDO L . 6.98 0.85 13.55
H11 EDO L . 5.24 -0.28 12.14
H12 EDO L . 6.22 -1.69 12.46
HO1 EDO L . 4.69 -2.48 13.82
H21 EDO L . 5.48 0.18 14.74
H22 EDO L . 6.90 -0.89 14.62
HO2 EDO L . 7.55 1.16 14.27
C1 EDO M . -0.61 13.74 18.67
O1 EDO M . -1.79 13.46 19.41
C2 EDO M . -0.21 15.20 18.71
O2 EDO M . 1.11 15.37 19.17
H11 EDO M . 0.18 13.10 19.08
H12 EDO M . -0.85 13.47 17.65
HO1 EDO M . -2.48 14.06 19.13
H21 EDO M . -0.87 15.79 19.35
H22 EDO M . -0.25 15.60 17.69
HO2 EDO M . 1.09 15.20 20.13
S DMS N . 11.91 15.90 24.43
O DMS N . 12.01 15.46 22.99
C1 DMS N . 11.45 14.45 25.42
C2 DMS N . 10.34 16.78 24.62
H11 DMS N . 11.41 14.75 26.47
H12 DMS N . 12.21 13.66 25.29
H13 DMS N . 10.47 14.08 25.11
H21 DMS N . 9.55 16.20 24.14
H22 DMS N . 10.41 17.76 24.13
H23 DMS N . 10.11 16.91 25.68
CL CL O . 3.89 -13.30 -8.40
#